data_2ESV
#
_entry.id   2ESV
#
_cell.length_a   235.096
_cell.length_b   41.462
_cell.length_c   112.471
_cell.angle_alpha   90.00
_cell.angle_beta   114.66
_cell.angle_gamma   90.00
#
_symmetry.space_group_name_H-M   'C 1 2 1'
#
loop_
_entity.id
_entity.type
_entity.pdbx_description
1 polymer 'HLA class I histocompatibility antigen, alpha chain E'
2 polymer Beta-2-microglobulin
3 polymer 'VMAPRTLIL peptide from CMV gpUL40'
4 polymer 'KK50.4 T cell receptor alpha chain'
5 polymer 'KK50.4 T cell receptor beta chain'
6 non-polymer 'IODIDE ION'
7 water water
#
loop_
_entity_poly.entity_id
_entity_poly.type
_entity_poly.pdbx_seq_one_letter_code
_entity_poly.pdbx_strand_id
1 'polypeptide(L)'
;SHSLKYFHTSVSRPGRGEPRFISVGYVDDTQFVRFDNDAASPRMVPRAPWMEQEGSEYWDRETRSARDTAQIFRVNLRTL
RGYYNQSEAGSHTLQWMHGCELGPDRRFLRGYEQFAYDGKDYLTLNEDLRSWTAVDTAAQISEQKSNDASEAEHQRAYLE
DTCVEWLHKYLEKGKETLLHLEPPKTHVTHHPISDHEATLRCWALGFYPAEITLTWQQDGEGHTQDTELVETRPAGDGTF
QKWAAVVVPSGEEQRYTCHVQHEGLPEPVTLRWKP
;
A
2 'polypeptide(L)'
;MIQRTPKIQVYSRHPAENGKSNFLNCYVSGFHPSDIEVDLLKNGERIEKVEHSDLSFSKDWSFYLLYYTEFTPTEKDEYA
CRVNHVTLSQPKIVKWDRDM
;
B
3 'polypeptide(L)' VMAPRTLIL P
4 'polypeptide(L)'
;KTTQPPSMDCAEGRAANLPCNHSTISGNEYVYWYRQIHSQGPQYIIHGLKNNETNEMASLIITEDRKSSTLILPHATLRD
TAVYYCIVVRSSNTGKLIFGQGTTLQVKPDIQNPDPAVYQLRDSKSSDKSVCLFTDFDSQTNVSQSKDSDVYITDKCVLD
MRSMDFKSNSAVAWSNKSDFACANAFNNSIIPEDTFFPS
;
D
5 'polypeptide(L)'
;GVTQFPSHSVIEKGQTVTLRCDPISGHDNLYWYRRVMGKEIKFLLHFVKESKQDESGMPNNRFLAERTGGTYSTLKVQPA
ELEDSGVYFCASSQDRDTQYFGPGTRLTVLEDLKNVFPPEVAVFEPSEAEISHTQKATLVCLATGFYPDHVELSWWVNGK
EVHSGVCTDPQPLKEQPALNDSRYALSSRLRVSATFWQNPRNHFRCQVQFYGLSENDEWTQDRAKPVTQIVSAEAWGRAD
;
E
#
loop_
_chem_comp.id
_chem_comp.type
_chem_comp.name
_chem_comp.formula
IOD non-polymer 'IODIDE ION' 'I -1'
#
# COMPACT_ATOMS: atom_id res chain seq x y z
N SER A 1 13.58 14.46 29.24
CA SER A 1 13.69 13.78 27.92
C SER A 1 13.12 12.37 27.93
N HIS A 2 12.45 12.01 26.83
CA HIS A 2 11.89 10.68 26.67
C HIS A 2 12.04 10.18 25.24
N SER A 3 12.12 8.87 25.07
CA SER A 3 12.34 8.28 23.77
C SER A 3 11.53 7.02 23.53
N LEU A 4 11.06 6.85 22.30
CA LEU A 4 10.34 5.68 21.86
C LEU A 4 11.18 4.96 20.82
N LYS A 5 11.65 3.76 21.13
CA LYS A 5 12.58 3.04 20.28
C LYS A 5 12.05 1.64 19.97
N TYR A 6 12.17 1.23 18.71
CA TYR A 6 11.88 -0.14 18.36
C TYR A 6 13.11 -0.82 17.79
N PHE A 7 13.24 -2.11 18.09
CA PHE A 7 14.35 -2.93 17.59
C PHE A 7 13.78 -4.14 16.86
N HIS A 8 14.10 -4.27 15.58
CA HIS A 8 13.55 -5.36 14.78
C HIS A 8 14.66 -6.25 14.29
N THR A 9 14.48 -7.55 14.45
CA THR A 9 15.47 -8.51 14.03
C THR A 9 14.86 -9.58 13.15
N SER A 10 15.40 -9.75 11.96
CA SER A 10 15.04 -10.86 11.11
C SER A 10 16.26 -11.79 10.92
N VAL A 11 16.04 -13.08 11.07
CA VAL A 11 17.13 -14.07 10.94
C VAL A 11 16.70 -15.20 10.01
N SER A 12 17.34 -15.30 8.85
CA SER A 12 16.97 -16.33 7.88
C SER A 12 17.21 -17.73 8.43
N ARG A 13 16.31 -18.64 8.08
CA ARG A 13 16.36 -20.02 8.55
C ARG A 13 16.20 -20.97 7.36
N PRO A 14 17.18 -20.98 6.43
CA PRO A 14 17.05 -21.73 5.17
C PRO A 14 16.48 -23.15 5.34
N GLY A 15 16.85 -23.83 6.43
CA GLY A 15 16.29 -25.14 6.78
C GLY A 15 14.78 -25.16 6.99
N ARG A 16 14.27 -24.17 7.72
CA ARG A 16 12.83 -24.00 7.96
C ARG A 16 12.14 -23.40 6.73
N GLY A 17 11.24 -22.46 6.99
CA GLY A 17 10.54 -21.74 5.92
C GLY A 17 10.76 -20.25 6.04
N GLU A 18 9.91 -19.59 6.83
CA GLU A 18 9.99 -18.15 7.03
C GLU A 18 11.12 -17.84 8.04
N PRO A 19 11.86 -16.75 7.82
CA PRO A 19 12.83 -16.31 8.82
C PRO A 19 12.21 -15.91 10.17
N ARG A 20 12.97 -16.13 11.24
CA ARG A 20 12.59 -15.68 12.56
C ARG A 20 12.57 -14.17 12.57
N PHE A 21 11.48 -13.59 13.08
CA PHE A 21 11.35 -12.14 13.17
C PHE A 21 10.87 -11.75 14.56
N ILE A 22 11.56 -10.79 15.17
CA ILE A 22 11.24 -10.30 16.51
C ILE A 22 11.34 -8.78 16.57
N SER A 23 10.26 -8.15 17.05
CA SER A 23 10.19 -6.70 17.23
C SER A 23 10.01 -6.38 18.70
N VAL A 24 10.86 -5.50 19.25
CA VAL A 24 10.68 -5.05 20.62
C VAL A 24 10.57 -3.52 20.69
N GLY A 25 9.68 -3.04 21.56
CA GLY A 25 9.43 -1.61 21.74
C GLY A 25 9.78 -1.13 23.14
N TYR A 26 10.33 0.09 23.20
CA TYR A 26 10.85 0.65 24.44
C TYR A 26 10.41 2.09 24.61
N VAL A 27 9.87 2.41 25.78
CA VAL A 27 9.67 3.79 26.18
C VAL A 27 10.75 4.02 27.22
N ASP A 28 11.67 4.94 26.91
CA ASP A 28 12.89 5.12 27.71
C ASP A 28 13.62 3.79 27.86
N ASP A 29 13.92 3.41 29.10
CA ASP A 29 14.56 2.13 29.41
C ASP A 29 13.57 1.02 29.80
N THR A 30 12.30 1.16 29.40
CA THR A 30 11.25 0.21 29.78
C THR A 30 10.59 -0.44 28.57
N GLN A 31 10.70 -1.76 28.46
CA GLN A 31 10.02 -2.49 27.39
C GLN A 31 8.52 -2.50 27.63
N PHE A 32 7.75 -2.30 26.57
CA PHE A 32 6.31 -2.28 26.68
C PHE A 32 5.60 -3.20 25.67
N VAL A 33 6.29 -3.60 24.61
CA VAL A 33 5.70 -4.49 23.58
C VAL A 33 6.69 -5.42 22.88
N ARG A 34 6.16 -6.48 22.26
CA ARG A 34 6.96 -7.39 21.47
C ARG A 34 6.12 -8.13 20.44
N PHE A 35 6.77 -8.45 19.33
CA PHE A 35 6.23 -9.37 18.35
C PHE A 35 7.28 -10.43 18.10
N ASP A 36 6.85 -11.68 18.01
CA ASP A 36 7.74 -12.78 17.74
C ASP A 36 6.94 -13.79 16.97
N ASN A 37 7.29 -13.98 15.69
CA ASN A 37 6.57 -14.92 14.84
C ASN A 37 6.73 -16.38 15.23
N ASP A 38 7.64 -16.68 16.16
CA ASP A 38 7.78 -18.04 16.69
C ASP A 38 7.04 -18.30 18.00
N ALA A 39 6.52 -17.25 18.62
CA ALA A 39 5.80 -17.37 19.89
C ALA A 39 4.49 -18.12 19.71
N ALA A 40 3.93 -18.63 20.80
CA ALA A 40 2.63 -19.31 20.77
C ALA A 40 1.55 -18.42 20.13
N SER A 41 1.48 -17.17 20.55
CA SER A 41 0.62 -16.17 19.90
C SER A 41 1.47 -15.22 19.05
N PRO A 42 1.56 -15.47 17.73
CA PRO A 42 2.42 -14.67 16.84
C PRO A 42 1.80 -13.32 16.48
N ARG A 43 1.66 -12.46 17.50
CA ARG A 43 0.99 -11.18 17.36
C ARG A 43 1.72 -10.17 18.24
N MET A 44 1.53 -8.88 17.98
CA MET A 44 2.03 -7.86 18.90
C MET A 44 1.27 -7.96 20.22
N VAL A 45 2.00 -8.06 21.33
CA VAL A 45 1.41 -8.27 22.65
C VAL A 45 2.00 -7.33 23.72
N PRO A 46 1.23 -7.05 24.80
CA PRO A 46 1.72 -6.16 25.85
C PRO A 46 2.87 -6.79 26.64
N ARG A 47 3.82 -5.96 27.05
CA ARG A 47 4.99 -6.44 27.80
C ARG A 47 5.22 -5.64 29.08
N ALA A 48 4.31 -4.70 29.33
CA ALA A 48 4.28 -3.96 30.58
C ALA A 48 2.84 -3.94 31.09
N PRO A 49 2.66 -3.91 32.42
CA PRO A 49 1.30 -3.95 32.99
C PRO A 49 0.39 -2.83 32.50
N TRP A 50 0.97 -1.68 32.14
CA TRP A 50 0.15 -0.51 31.74
C TRP A 50 -0.34 -0.55 30.29
N MET A 51 -0.10 -1.66 29.60
CA MET A 51 -0.55 -1.81 28.21
C MET A 51 -1.69 -2.83 28.06
N GLU A 52 -2.12 -3.44 29.16
CA GLU A 52 -3.19 -4.44 29.15
C GLU A 52 -4.55 -3.95 28.65
N GLN A 53 -4.87 -2.68 28.92
CA GLN A 53 -6.20 -2.13 28.63
C GLN A 53 -6.54 -1.90 27.15
N GLU A 54 -5.53 -1.66 26.32
CA GLU A 54 -5.71 -1.39 24.88
C GLU A 54 -6.50 -2.50 24.23
N GLY A 55 -7.42 -2.13 23.33
CA GLY A 55 -8.35 -3.08 22.73
C GLY A 55 -7.90 -3.66 21.40
N SER A 56 -8.67 -4.65 20.93
CA SER A 56 -8.46 -5.29 19.63
C SER A 56 -8.01 -4.31 18.54
N GLU A 57 -8.55 -3.09 18.58
CA GLU A 57 -8.21 -2.02 17.64
C GLU A 57 -6.69 -1.84 17.51
N TYR A 58 -6.02 -1.62 18.64
CA TYR A 58 -4.60 -1.30 18.65
C TYR A 58 -3.69 -2.49 18.32
N TRP A 59 -3.99 -3.64 18.89
CA TRP A 59 -3.16 -4.83 18.69
C TRP A 59 -3.24 -5.37 17.26
N ASP A 60 -4.42 -5.29 16.65
CA ASP A 60 -4.61 -5.67 15.24
C ASP A 60 -3.73 -4.84 14.31
N ARG A 61 -3.76 -3.50 14.49
CA ARG A 61 -2.94 -2.60 13.69
C ARG A 61 -1.46 -2.95 13.83
N GLU A 62 -1.04 -3.21 15.07
CA GLU A 62 0.36 -3.51 15.37
C GLU A 62 0.82 -4.87 14.88
N THR A 63 -0.11 -5.80 14.76
CA THR A 63 0.20 -7.13 14.25
C THR A 63 0.35 -7.10 12.74
N ARG A 64 -0.56 -6.38 12.08
CA ARG A 64 -0.48 -6.15 10.64
C ARG A 64 0.87 -5.51 10.29
N SER A 65 1.27 -4.49 11.06
CA SER A 65 2.52 -3.76 10.83
C SER A 65 3.75 -4.65 11.03
N ALA A 66 3.72 -5.45 12.09
CA ALA A 66 4.80 -6.38 12.40
C ALA A 66 4.91 -7.48 11.34
N ARG A 67 3.78 -8.13 11.04
CA ARG A 67 3.75 -9.20 10.03
C ARG A 67 4.13 -8.70 8.64
N ASP A 68 3.68 -7.49 8.29
CA ASP A 68 4.05 -6.85 7.03
C ASP A 68 5.54 -6.57 6.94
N THR A 69 6.13 -6.10 8.04
CA THR A 69 7.55 -5.80 8.12
C THR A 69 8.33 -7.09 7.97
N ALA A 70 7.91 -8.12 8.70
CA ALA A 70 8.51 -9.45 8.63
C ALA A 70 8.55 -9.92 7.19
N GLN A 71 7.42 -9.83 6.50
CA GLN A 71 7.26 -10.26 5.12
C GLN A 71 8.11 -9.45 4.12
N ILE A 72 8.46 -8.22 4.47
CA ILE A 72 9.31 -7.40 3.60
C ILE A 72 10.77 -7.72 3.89
N PHE A 73 11.08 -7.98 5.16
CA PHE A 73 12.43 -8.31 5.59
C PHE A 73 12.89 -9.65 5.05
N ARG A 74 11.93 -10.54 4.86
CA ARG A 74 12.17 -11.81 4.21
C ARG A 74 12.59 -11.57 2.76
N VAL A 75 11.88 -10.68 2.07
CA VAL A 75 12.21 -10.33 0.69
C VAL A 75 13.58 -9.70 0.65
N ASN A 76 13.83 -8.79 1.58
CA ASN A 76 15.10 -8.10 1.69
C ASN A 76 16.28 -9.03 1.85
N LEU A 77 16.16 -9.98 2.78
CA LEU A 77 17.21 -10.96 3.02
C LEU A 77 17.62 -11.70 1.74
N ARG A 78 16.63 -12.10 0.95
CA ARG A 78 16.88 -12.73 -0.35
C ARG A 78 17.66 -11.79 -1.27
N THR A 79 17.24 -10.53 -1.31
CA THR A 79 17.83 -9.52 -2.19
C THR A 79 19.25 -9.16 -1.75
N LEU A 80 19.46 -9.02 -0.44
CA LEU A 80 20.77 -8.74 0.14
C LEU A 80 21.82 -9.82 -0.17
N ARG A 81 21.39 -11.08 -0.19
CA ARG A 81 22.18 -12.19 -0.69
C ARG A 81 22.69 -11.90 -2.11
N GLY A 82 21.81 -11.38 -2.96
CA GLY A 82 22.14 -11.06 -4.33
C GLY A 82 23.05 -9.86 -4.50
N TYR A 83 23.17 -9.04 -3.45
CA TYR A 83 24.07 -7.87 -3.47
C TYR A 83 25.48 -8.25 -3.04
N TYR A 84 25.60 -9.32 -2.25
CA TYR A 84 26.88 -9.73 -1.68
C TYR A 84 27.46 -10.96 -2.38
N ASN A 85 26.60 -11.74 -3.02
CA ASN A 85 26.97 -13.03 -3.65
C ASN A 85 27.32 -14.10 -2.60
N GLN A 86 26.34 -14.41 -1.76
CA GLN A 86 26.47 -15.44 -0.73
C GLN A 86 25.57 -16.62 -1.06
N SER A 87 25.88 -17.78 -0.50
CA SER A 87 25.13 -19.01 -0.76
C SER A 87 23.73 -18.96 -0.14
N GLU A 88 22.84 -19.83 -0.64
CA GLU A 88 21.50 -20.02 -0.08
C GLU A 88 21.53 -20.73 1.28
N ALA A 89 22.66 -21.35 1.59
CA ALA A 89 22.79 -22.24 2.75
C ALA A 89 22.94 -21.50 4.09
N GLY A 90 23.79 -20.47 4.11
CA GLY A 90 24.06 -19.73 5.33
C GLY A 90 22.88 -18.96 5.85
N SER A 91 22.85 -18.77 7.17
CA SER A 91 21.89 -17.89 7.83
C SER A 91 22.49 -16.48 7.95
N HIS A 92 21.64 -15.47 7.75
CA HIS A 92 22.06 -14.08 7.85
C HIS A 92 21.05 -13.26 8.62
N THR A 93 21.44 -12.05 9.00
CA THR A 93 20.61 -11.20 9.85
C THR A 93 20.35 -9.83 9.26
N LEU A 94 19.09 -9.41 9.31
CA LEU A 94 18.70 -8.03 9.06
C LEU A 94 18.16 -7.45 10.35
N GLN A 95 18.71 -6.32 10.75
CA GLN A 95 18.23 -5.60 11.91
C GLN A 95 17.79 -4.21 11.47
N TRP A 96 16.80 -3.66 12.18
CA TRP A 96 16.28 -2.33 11.90
C TRP A 96 15.95 -1.63 13.21
N MET A 97 16.56 -0.47 13.44
CA MET A 97 16.24 0.29 14.64
C MET A 97 15.72 1.71 14.31
N HIS A 98 14.59 2.07 14.90
CA HIS A 98 14.04 3.40 14.74
C HIS A 98 13.62 3.98 16.08
N GLY A 99 13.78 5.29 16.24
CA GLY A 99 13.41 5.96 17.48
C GLY A 99 13.22 7.45 17.35
N CYS A 100 12.40 8.01 18.23
CA CYS A 100 12.27 9.48 18.34
C CYS A 100 12.53 9.91 19.77
N GLU A 101 13.09 11.10 19.94
CA GLU A 101 13.41 11.63 21.26
C GLU A 101 12.78 12.99 21.47
N LEU A 102 12.24 13.22 22.66
CA LEU A 102 11.76 14.52 23.07
C LEU A 102 12.82 15.21 23.93
N GLY A 103 12.84 16.53 23.87
CA GLY A 103 13.72 17.32 24.74
C GLY A 103 13.09 17.55 26.09
N PRO A 104 13.77 18.29 26.99
CA PRO A 104 13.19 18.76 28.26
C PRO A 104 11.78 19.36 28.09
N ASP A 105 11.61 20.18 27.05
CA ASP A 105 10.33 20.81 26.73
C ASP A 105 9.23 19.82 26.28
N ARG A 106 9.60 18.55 26.17
CA ARG A 106 8.69 17.46 25.81
C ARG A 106 8.23 17.49 24.33
N ARG A 107 8.93 18.25 23.50
CA ARG A 107 8.66 18.30 22.05
C ARG A 107 9.76 17.61 21.26
N PHE A 108 9.53 17.37 19.97
CA PHE A 108 10.46 16.65 19.12
C PHE A 108 11.86 17.24 19.18
N LEU A 109 12.85 16.39 19.49
CA LEU A 109 14.25 16.81 19.48
C LEU A 109 15.01 16.19 18.31
N ARG A 110 14.95 14.87 18.20
CA ARG A 110 15.63 14.16 17.11
C ARG A 110 14.98 12.82 16.81
N GLY A 111 15.16 12.39 15.56
CA GLY A 111 14.73 11.08 15.10
C GLY A 111 15.90 10.42 14.40
N TYR A 112 15.98 9.10 14.52
CA TYR A 112 17.03 8.34 13.87
C TYR A 112 16.46 7.04 13.31
N GLU A 113 17.17 6.46 12.35
CA GLU A 113 16.77 5.19 11.74
C GLU A 113 17.94 4.57 10.99
N GLN A 114 18.24 3.30 11.26
CA GLN A 114 19.28 2.60 10.49
C GLN A 114 19.12 1.08 10.36
N PHE A 115 19.68 0.54 9.29
CA PHE A 115 19.63 -0.89 8.98
C PHE A 115 21.02 -1.52 9.06
N ALA A 116 21.05 -2.76 9.53
CA ALA A 116 22.27 -3.53 9.62
C ALA A 116 22.08 -4.88 8.96
N TYR A 117 23.11 -5.32 8.26
CA TYR A 117 23.13 -6.65 7.69
C TYR A 117 24.30 -7.41 8.30
N ASP A 118 23.99 -8.55 8.91
CA ASP A 118 24.97 -9.37 9.62
C ASP A 118 25.76 -8.59 10.67
N GLY A 119 25.05 -7.74 11.41
CA GLY A 119 25.63 -6.93 12.49
C GLY A 119 26.49 -5.77 12.01
N LYS A 120 26.62 -5.63 10.69
CA LYS A 120 27.41 -4.56 10.09
C LYS A 120 26.47 -3.49 9.61
N ASP A 121 26.84 -2.21 9.80
CA ASP A 121 26.08 -1.07 9.29
C ASP A 121 25.79 -1.17 7.79
N TYR A 122 24.53 -1.02 7.41
CA TYR A 122 24.13 -1.15 6.01
C TYR A 122 23.64 0.18 5.43
N LEU A 123 22.55 0.70 5.99
CA LEU A 123 21.93 1.91 5.46
C LEU A 123 21.39 2.77 6.58
N THR A 124 21.69 4.05 6.54
CA THR A 124 21.28 4.98 7.59
C THR A 124 20.45 6.12 7.01
N LEU A 125 19.38 6.47 7.70
CA LEU A 125 18.63 7.68 7.42
C LEU A 125 19.42 8.88 7.91
N ASN A 126 19.54 9.91 7.06
CA ASN A 126 20.28 11.12 7.42
C ASN A 126 19.64 11.87 8.56
N GLU A 127 20.41 12.75 9.20
CA GLU A 127 19.93 13.49 10.37
C GLU A 127 18.81 14.47 10.03
N ASP A 128 18.83 15.01 8.82
CA ASP A 128 17.76 15.88 8.34
C ASP A 128 16.47 15.12 7.99
N LEU A 129 16.57 13.79 8.02
CA LEU A 129 15.44 12.88 7.77
C LEU A 129 14.87 12.92 6.34
N ARG A 130 15.60 13.52 5.41
CA ARG A 130 15.10 13.68 4.03
C ARG A 130 15.74 12.78 2.97
N SER A 131 16.70 11.96 3.40
CA SER A 131 17.41 11.06 2.49
C SER A 131 18.18 9.98 3.25
N TRP A 132 18.59 8.94 2.52
CA TRP A 132 19.31 7.79 3.07
C TRP A 132 20.75 7.79 2.58
N THR A 133 21.65 7.29 3.43
CA THR A 133 23.06 7.18 3.11
C THR A 133 23.53 5.75 3.30
N ALA A 134 24.21 5.20 2.28
CA ALA A 134 24.85 3.89 2.37
C ALA A 134 26.06 3.93 3.31
N VAL A 135 26.18 2.95 4.20
CA VAL A 135 27.35 2.86 5.09
C VAL A 135 28.25 1.71 4.67
N ASP A 136 27.67 0.78 3.91
CA ASP A 136 28.40 -0.31 3.28
C ASP A 136 28.36 0.00 1.80
N THR A 137 29.43 -0.28 1.07
CA THR A 137 29.45 -0.07 -0.38
C THR A 137 28.33 -0.89 -1.04
N ALA A 138 28.09 -2.09 -0.52
CA ALA A 138 27.07 -2.99 -1.06
C ALA A 138 25.65 -2.41 -0.94
N ALA A 139 25.50 -1.34 -0.17
CA ALA A 139 24.21 -0.71 0.03
C ALA A 139 23.89 0.41 -0.96
N GLN A 140 24.72 0.59 -1.98
CA GLN A 140 24.52 1.71 -2.92
C GLN A 140 23.25 1.60 -3.77
N ILE A 141 22.90 0.39 -4.19
CA ILE A 141 21.67 0.15 -4.94
C ILE A 141 20.42 0.41 -4.09
N SER A 142 20.49 0.04 -2.80
CA SER A 142 19.40 0.30 -1.86
C SER A 142 19.31 1.78 -1.50
N GLU A 143 20.47 2.43 -1.43
CA GLU A 143 20.56 3.86 -1.13
C GLU A 143 19.86 4.66 -2.21
N GLN A 144 20.11 4.32 -3.47
CA GLN A 144 19.49 5.04 -4.59
C GLN A 144 18.00 4.72 -4.74
N LYS A 145 17.64 3.46 -4.55
CA LYS A 145 16.24 3.01 -4.57
C LYS A 145 15.41 3.77 -3.53
N SER A 146 15.96 3.91 -2.34
CA SER A 146 15.27 4.59 -1.23
C SER A 146 15.14 6.09 -1.46
N ASN A 147 16.16 6.68 -2.08
CA ASN A 147 16.16 8.11 -2.37
C ASN A 147 15.27 8.46 -3.55
N ASP A 148 15.20 7.56 -4.53
CA ASP A 148 14.36 7.73 -5.72
C ASP A 148 12.87 7.59 -5.45
N ALA A 149 12.52 6.74 -4.48
CA ALA A 149 11.14 6.46 -4.13
C ALA A 149 10.61 7.35 -3.00
N SER A 150 11.44 8.31 -2.57
CA SER A 150 11.06 9.29 -1.54
C SER A 150 10.58 8.61 -0.24
N GLU A 151 11.33 7.60 0.17
CA GLU A 151 11.00 6.78 1.33
C GLU A 151 11.17 7.57 2.61
N ALA A 152 12.20 8.42 2.63
CA ALA A 152 12.48 9.31 3.76
C ALA A 152 11.25 10.08 4.22
N GLU A 153 10.41 10.50 3.27
CA GLU A 153 9.18 11.21 3.58
C GLU A 153 8.30 10.43 4.58
N HIS A 154 8.01 9.17 4.27
CA HIS A 154 7.23 8.30 5.16
C HIS A 154 7.86 8.14 6.56
N GLN A 155 9.19 8.06 6.60
CA GLN A 155 9.88 7.88 7.87
C GLN A 155 9.92 9.18 8.67
N ARG A 156 10.09 10.31 7.98
CA ARG A 156 10.02 11.63 8.62
C ARG A 156 8.63 11.85 9.21
N ALA A 157 7.60 11.49 8.44
CA ALA A 157 6.22 11.50 8.91
C ALA A 157 6.07 10.65 10.17
N TYR A 158 6.78 9.53 10.20
CA TYR A 158 6.73 8.65 11.36
C TYR A 158 7.47 9.23 12.56
N LEU A 159 8.69 9.71 12.35
CA LEU A 159 9.53 10.15 13.46
C LEU A 159 9.13 11.49 14.07
N GLU A 160 8.63 12.41 13.22
CA GLU A 160 8.25 13.75 13.66
C GLU A 160 6.80 13.88 14.14
N ASP A 161 5.91 13.03 13.62
CA ASP A 161 4.50 13.08 14.02
C ASP A 161 4.09 11.83 14.80
N THR A 162 3.89 10.72 14.08
CA THR A 162 3.33 9.49 14.65
C THR A 162 4.07 8.99 15.89
N CYS A 163 5.39 9.00 15.83
CA CYS A 163 6.23 8.58 16.95
C CYS A 163 6.03 9.51 18.14
N VAL A 164 6.08 10.81 17.87
CA VAL A 164 5.88 11.85 18.89
C VAL A 164 4.49 11.73 19.52
N GLU A 165 3.47 11.67 18.68
CA GLU A 165 2.08 11.52 19.11
C GLU A 165 1.95 10.37 20.10
N TRP A 166 2.39 9.18 19.67
CA TRP A 166 2.22 7.98 20.47
C TRP A 166 3.05 7.94 21.75
N LEU A 167 4.30 8.41 21.68
CA LEU A 167 5.15 8.56 22.85
C LEU A 167 4.43 9.29 24.00
N HIS A 168 3.72 10.37 23.67
CA HIS A 168 2.93 11.12 24.65
C HIS A 168 1.75 10.29 25.17
N LYS A 169 1.15 9.52 24.28
CA LYS A 169 0.07 8.62 24.68
C LYS A 169 0.58 7.57 25.66
N TYR A 170 1.71 6.95 25.33
CA TYR A 170 2.35 5.96 26.21
C TYR A 170 2.76 6.55 27.56
N LEU A 171 3.32 7.76 27.53
CA LEU A 171 3.76 8.43 28.75
C LEU A 171 2.63 8.75 29.72
N GLU A 172 1.42 8.95 29.18
CA GLU A 172 0.24 9.12 30.02
C GLU A 172 -0.28 7.79 30.57
N LYS A 173 -0.32 6.76 29.71
CA LYS A 173 -0.74 5.43 30.13
C LYS A 173 0.18 4.82 31.18
N GLY A 174 1.49 5.08 31.08
CA GLY A 174 2.47 4.59 32.05
C GLY A 174 2.87 5.62 33.09
N LYS A 175 1.97 6.57 33.36
CA LYS A 175 2.17 7.68 34.29
C LYS A 175 2.90 7.26 35.59
N GLU A 176 2.29 6.32 36.31
CA GLU A 176 2.74 5.86 37.63
C GLU A 176 4.22 5.50 37.72
N THR A 177 4.77 4.90 36.67
CA THR A 177 6.09 4.27 36.75
C THR A 177 7.15 4.85 35.81
N LEU A 178 6.73 5.34 34.64
CA LEU A 178 7.66 5.87 33.64
C LEU A 178 8.39 7.14 34.09
N LEU A 179 7.66 8.02 34.77
CA LEU A 179 8.24 9.26 35.29
C LEU A 179 8.84 9.11 36.69
N HIS A 180 8.68 7.91 37.26
CA HIS A 180 9.23 7.60 38.57
C HIS A 180 10.74 7.38 38.49
N LEU A 181 11.48 8.12 39.31
CA LEU A 181 12.93 7.95 39.39
C LEU A 181 13.27 7.09 40.59
N GLU A 182 13.92 5.95 40.35
CA GLU A 182 14.33 5.06 41.41
C GLU A 182 15.83 5.20 41.68
N PRO A 183 16.19 5.77 42.85
CA PRO A 183 17.59 5.95 43.22
C PRO A 183 18.27 4.59 43.48
N PRO A 184 19.59 4.52 43.30
CA PRO A 184 20.26 3.25 43.59
C PRO A 184 20.55 3.06 45.06
N LYS A 185 20.48 1.82 45.52
CA LYS A 185 20.98 1.43 46.84
C LYS A 185 22.43 1.02 46.65
N THR A 186 23.32 1.64 47.40
CA THR A 186 24.76 1.52 47.17
C THR A 186 25.53 1.03 48.40
N HIS A 187 26.52 0.16 48.15
CA HIS A 187 27.43 -0.30 49.19
C HIS A 187 28.78 -0.71 48.61
N VAL A 188 29.76 -0.95 49.48
CA VAL A 188 31.10 -1.37 49.07
C VAL A 188 31.50 -2.67 49.75
N THR A 189 32.08 -3.60 48.97
CA THR A 189 32.52 -4.88 49.50
C THR A 189 34.03 -5.05 49.42
N HIS A 190 34.57 -5.89 50.30
CA HIS A 190 36.00 -6.16 50.39
C HIS A 190 36.28 -7.62 50.06
N HIS A 191 37.27 -7.84 49.21
CA HIS A 191 37.73 -9.19 48.86
C HIS A 191 39.25 -9.19 48.70
N PRO A 192 39.97 -9.74 49.70
CA PRO A 192 41.43 -9.84 49.60
C PRO A 192 41.89 -10.75 48.45
N ILE A 193 42.73 -10.22 47.58
CA ILE A 193 43.39 -11.01 46.53
C ILE A 193 44.62 -11.72 47.11
N SER A 194 45.37 -11.00 47.93
CA SER A 194 46.60 -11.51 48.54
C SER A 194 46.88 -10.88 49.90
N ASP A 195 48.17 -10.87 50.28
CA ASP A 195 48.62 -10.17 51.47
C ASP A 195 49.05 -8.75 51.12
N HIS A 196 49.19 -8.50 49.82
CA HIS A 196 49.67 -7.21 49.32
C HIS A 196 48.60 -6.46 48.53
N GLU A 197 47.64 -7.21 47.98
CA GLU A 197 46.55 -6.61 47.19
C GLU A 197 45.18 -7.10 47.64
N ALA A 198 44.17 -6.26 47.40
CA ALA A 198 42.78 -6.58 47.68
C ALA A 198 41.85 -5.83 46.72
N THR A 199 40.62 -6.33 46.59
CA THR A 199 39.62 -5.73 45.71
C THR A 199 38.59 -4.93 46.49
N LEU A 200 38.28 -3.74 45.99
CA LEU A 200 37.15 -2.95 46.48
C LEU A 200 36.10 -2.84 45.38
N ARG A 201 34.85 -3.10 45.74
CA ARG A 201 33.77 -3.11 44.77
C ARG A 201 32.61 -2.20 45.16
N CYS A 202 32.34 -1.22 44.32
CA CYS A 202 31.24 -0.27 44.51
C CYS A 202 29.99 -0.76 43.78
N TRP A 203 28.92 -0.96 44.55
CA TRP A 203 27.66 -1.47 44.00
C TRP A 203 26.63 -0.37 43.80
N ALA A 204 25.90 -0.46 42.70
CA ALA A 204 24.70 0.34 42.51
C ALA A 204 23.56 -0.62 42.20
N LEU A 205 22.54 -0.65 43.05
CA LEU A 205 21.47 -1.63 42.93
C LEU A 205 20.09 -1.02 42.83
N GLY A 206 19.25 -1.65 42.00
CA GLY A 206 17.82 -1.35 41.89
C GLY A 206 17.45 0.07 41.49
N PHE A 207 18.15 0.60 40.49
CA PHE A 207 17.89 1.96 39.99
C PHE A 207 17.19 2.03 38.62
N TYR A 208 16.54 3.16 38.35
CA TYR A 208 15.93 3.45 37.06
C TYR A 208 15.91 4.97 36.83
N PRO A 209 16.29 5.43 35.62
CA PRO A 209 16.72 4.71 34.41
C PRO A 209 18.13 4.10 34.48
N ALA A 210 18.53 3.41 33.43
CA ALA A 210 19.80 2.68 33.36
C ALA A 210 21.03 3.57 33.43
N GLU A 211 20.87 4.82 32.98
CA GLU A 211 21.96 5.80 32.98
C GLU A 211 22.53 6.01 34.37
N ILE A 212 23.84 5.84 34.50
CA ILE A 212 24.53 5.91 35.79
C ILE A 212 26.04 5.99 35.59
N THR A 213 26.70 6.79 36.42
CA THR A 213 28.16 6.86 36.42
C THR A 213 28.69 6.50 37.80
N LEU A 214 29.59 5.52 37.83
CA LEU A 214 30.30 5.12 39.06
C LEU A 214 31.79 5.33 38.86
N THR A 215 32.35 6.29 39.59
CA THR A 215 33.77 6.61 39.50
C THR A 215 34.51 6.34 40.80
N TRP A 216 35.81 6.07 40.70
CA TRP A 216 36.66 5.79 41.86
C TRP A 216 37.73 6.86 42.03
N GLN A 217 38.03 7.20 43.28
CA GLN A 217 39.08 8.18 43.60
C GLN A 217 39.98 7.73 44.74
N GLN A 225 43.50 2.70 35.34
CA GLN A 225 44.10 2.53 36.65
C GLN A 225 43.37 1.43 37.44
N ASP A 226 43.61 0.18 37.02
CA ASP A 226 43.13 -1.02 37.72
C ASP A 226 41.63 -0.98 38.03
N THR A 227 40.85 -0.30 37.20
CA THR A 227 39.43 -0.14 37.44
C THR A 227 38.57 -0.98 36.50
N GLU A 228 37.94 -2.02 37.05
CA GLU A 228 37.03 -2.88 36.31
C GLU A 228 35.60 -2.34 36.45
N LEU A 229 34.87 -2.34 35.35
CA LEU A 229 33.53 -1.78 35.31
C LEU A 229 32.65 -2.65 34.43
N VAL A 230 31.69 -3.33 35.03
CA VAL A 230 30.79 -4.18 34.26
C VAL A 230 29.71 -3.38 33.53
N GLU A 231 29.28 -3.94 32.41
CA GLU A 231 28.12 -3.44 31.68
C GLU A 231 26.88 -3.50 32.58
N THR A 232 26.12 -2.42 32.58
CA THR A 232 24.88 -2.34 33.35
C THR A 232 23.98 -3.52 33.00
N ARG A 233 23.30 -4.06 34.00
CA ARG A 233 22.44 -5.23 33.82
C ARG A 233 21.04 -5.02 34.40
N PRO A 234 20.02 -5.66 33.79
CA PRO A 234 18.65 -5.66 34.30
C PRO A 234 18.51 -6.53 35.55
N ALA A 235 17.71 -6.08 36.52
CA ALA A 235 17.41 -6.89 37.69
C ALA A 235 16.29 -7.89 37.38
N GLY A 236 15.35 -7.48 36.54
CA GLY A 236 14.23 -8.34 36.13
C GLY A 236 12.87 -7.72 36.41
N ASP A 237 12.87 -6.75 37.32
CA ASP A 237 11.66 -6.02 37.67
C ASP A 237 11.78 -4.58 37.19
N GLY A 238 12.32 -4.40 35.98
CA GLY A 238 12.47 -3.08 35.39
C GLY A 238 13.53 -2.18 36.01
N THR A 239 14.22 -2.66 37.04
CA THR A 239 15.31 -1.89 37.65
C THR A 239 16.67 -2.43 37.20
N PHE A 240 17.72 -1.64 37.38
CA PHE A 240 19.06 -2.02 36.91
C PHE A 240 20.10 -2.14 38.03
N GLN A 241 21.19 -2.84 37.72
CA GLN A 241 22.29 -3.06 38.66
C GLN A 241 23.62 -2.83 37.93
N LYS A 242 24.62 -2.34 38.65
CA LYS A 242 25.96 -2.11 38.09
C LYS A 242 26.99 -1.99 39.20
N TRP A 243 28.15 -2.63 39.01
CA TRP A 243 29.25 -2.51 39.97
C TRP A 243 30.58 -2.03 39.36
N ALA A 244 31.34 -1.28 40.16
CA ALA A 244 32.68 -0.86 39.80
C ALA A 244 33.67 -1.48 40.78
N ALA A 245 34.86 -1.82 40.29
CA ALA A 245 35.87 -2.45 41.13
C ALA A 245 37.24 -1.84 40.92
N VAL A 246 37.94 -1.58 42.03
CA VAL A 246 39.31 -1.06 41.99
C VAL A 246 40.28 -1.93 42.80
N VAL A 247 41.49 -2.11 42.28
CA VAL A 247 42.53 -2.91 42.93
C VAL A 247 43.38 -2.01 43.83
N VAL A 248 43.47 -2.41 45.10
CA VAL A 248 44.04 -1.56 46.15
C VAL A 248 45.10 -2.32 46.95
N PRO A 249 46.27 -1.69 47.21
CA PRO A 249 47.27 -2.24 48.14
C PRO A 249 46.70 -2.55 49.52
N SER A 250 46.99 -3.75 50.03
CA SER A 250 46.47 -4.20 51.32
C SER A 250 46.95 -3.34 52.48
N GLY A 251 46.01 -2.63 53.09
CA GLY A 251 46.32 -1.74 54.21
C GLY A 251 45.45 -0.50 54.21
N GLU A 252 45.87 0.51 53.45
CA GLU A 252 45.10 1.74 53.32
C GLU A 252 44.18 1.69 52.11
N GLU A 253 42.88 1.60 52.37
CA GLU A 253 41.85 1.56 51.33
C GLU A 253 40.98 2.81 51.38
N GLN A 254 41.23 3.64 52.37
CA GLN A 254 40.40 4.83 52.63
C GLN A 254 40.78 6.03 51.76
N ARG A 255 41.90 5.94 51.05
CA ARG A 255 42.29 6.94 50.05
C ARG A 255 41.43 6.80 48.80
N TYR A 256 40.78 5.65 48.66
CA TYR A 256 39.87 5.37 47.55
C TYR A 256 38.43 5.55 47.97
N THR A 257 37.70 6.38 47.23
CA THR A 257 36.27 6.62 47.47
C THR A 257 35.48 6.47 46.18
N CYS A 258 34.26 5.97 46.31
CA CYS A 258 33.36 5.77 45.16
C CYS A 258 32.45 6.97 44.96
N HIS A 259 32.15 7.29 43.69
CA HIS A 259 31.30 8.42 43.38
C HIS A 259 30.15 8.03 42.46
N VAL A 260 28.93 8.15 42.98
CA VAL A 260 27.71 7.71 42.28
C VAL A 260 26.87 8.89 41.78
N GLN A 261 26.93 9.12 40.47
CA GLN A 261 26.08 10.09 39.81
C GLN A 261 24.94 9.36 39.12
N HIS A 262 23.71 9.70 39.51
CA HIS A 262 22.50 9.11 38.96
C HIS A 262 21.35 10.09 39.14
N GLU A 263 20.37 10.02 38.25
CA GLU A 263 19.27 10.99 38.20
C GLU A 263 18.37 10.97 39.43
N GLY A 264 18.05 9.78 39.92
CA GLY A 264 17.14 9.61 41.06
C GLY A 264 17.61 10.11 42.43
N LEU A 265 18.89 10.50 42.52
CA LEU A 265 19.46 10.98 43.77
C LEU A 265 19.36 12.50 43.89
N PRO A 266 19.02 13.01 45.10
CA PRO A 266 19.03 14.46 45.34
C PRO A 266 20.41 15.06 45.01
N GLU A 267 21.46 14.53 45.63
CA GLU A 267 22.83 14.92 45.31
C GLU A 267 23.71 13.68 45.05
N PRO A 268 24.77 13.82 44.22
CA PRO A 268 25.80 12.80 44.04
C PRO A 268 26.29 12.20 45.36
N VAL A 269 26.46 10.88 45.39
CA VAL A 269 26.72 10.16 46.63
C VAL A 269 28.12 9.54 46.68
N THR A 270 28.78 9.69 47.84
CA THR A 270 30.10 9.11 48.11
C THR A 270 29.99 7.85 48.96
N LEU A 271 30.64 6.78 48.52
CA LEU A 271 30.70 5.52 49.26
C LEU A 271 32.09 5.28 49.83
N ARG A 272 32.16 4.52 50.93
CA ARG A 272 33.37 4.48 51.75
C ARG A 272 33.96 3.08 51.97
N TRP A 273 33.08 2.07 52.06
CA TRP A 273 33.41 0.75 52.66
C TRP A 273 33.54 0.83 54.17
N LYS A 274 32.55 0.27 54.85
CA LYS A 274 32.59 0.12 56.29
C LYS A 274 33.08 -1.29 56.59
N PRO A 275 34.30 -1.41 57.15
CA PRO A 275 34.86 -2.71 57.48
C PRO A 275 34.03 -3.45 58.52
N MET B 1 31.55 -12.31 8.24
CA MET B 1 30.45 -12.05 9.19
C MET B 1 31.02 -11.60 10.53
N ILE B 2 30.38 -10.61 11.13
CA ILE B 2 30.71 -10.21 12.50
C ILE B 2 30.27 -11.33 13.44
N GLN B 3 31.24 -11.86 14.19
CA GLN B 3 30.98 -12.84 15.23
C GLN B 3 31.49 -12.29 16.55
N ARG B 4 30.58 -12.06 17.49
CA ARG B 4 30.98 -11.60 18.81
C ARG B 4 30.58 -12.58 19.89
N THR B 5 31.49 -12.83 20.82
CA THR B 5 31.28 -13.78 21.89
C THR B 5 30.50 -13.13 23.02
N PRO B 6 29.50 -13.84 23.58
CA PRO B 6 28.69 -13.29 24.66
C PRO B 6 29.45 -13.03 25.96
N LYS B 7 29.25 -11.85 26.54
CA LYS B 7 29.65 -11.57 27.91
C LYS B 7 28.56 -12.14 28.81
N ILE B 8 28.96 -12.69 29.95
CA ILE B 8 28.00 -13.36 30.81
C ILE B 8 28.08 -12.91 32.27
N GLN B 9 26.92 -12.62 32.84
CA GLN B 9 26.80 -12.30 34.26
C GLN B 9 25.68 -13.16 34.86
N VAL B 10 25.97 -13.75 36.02
CA VAL B 10 24.99 -14.50 36.80
C VAL B 10 24.79 -13.81 38.14
N TYR B 11 23.53 -13.58 38.50
CA TYR B 11 23.22 -12.80 39.69
C TYR B 11 21.77 -12.94 40.13
N SER B 12 21.48 -12.37 41.30
CA SER B 12 20.14 -12.36 41.86
C SER B 12 19.45 -11.02 41.62
N ARG B 13 18.12 -11.04 41.67
CA ARG B 13 17.32 -9.82 41.61
C ARG B 13 17.51 -9.00 42.88
N HIS B 14 17.36 -9.67 44.02
CA HIS B 14 17.44 -9.02 45.32
C HIS B 14 18.60 -9.59 46.13
N PRO B 15 19.17 -8.78 47.06
CA PRO B 15 20.27 -9.28 47.90
C PRO B 15 20.00 -10.69 48.43
N ALA B 16 20.99 -11.56 48.31
CA ALA B 16 20.83 -12.98 48.65
C ALA B 16 20.54 -13.21 50.13
N GLU B 17 19.42 -13.86 50.40
CA GLU B 17 19.08 -14.31 51.75
C GLU B 17 18.69 -15.78 51.71
N ASN B 18 19.46 -16.61 52.42
CA ASN B 18 19.20 -18.05 52.47
C ASN B 18 17.82 -18.38 53.03
N GLY B 19 16.94 -18.88 52.18
CA GLY B 19 15.60 -19.29 52.58
C GLY B 19 14.49 -18.37 52.14
N LYS B 20 14.85 -17.18 51.69
CA LYS B 20 13.86 -16.24 51.14
C LYS B 20 13.80 -16.39 49.62
N SER B 21 12.60 -16.28 49.07
CA SER B 21 12.37 -16.43 47.63
C SER B 21 13.06 -15.32 46.85
N ASN B 22 13.62 -15.68 45.70
CA ASN B 22 14.37 -14.75 44.85
C ASN B 22 14.31 -15.16 43.37
N PHE B 23 14.97 -14.40 42.52
CA PHE B 23 15.12 -14.73 41.11
C PHE B 23 16.61 -14.81 40.75
N LEU B 24 16.98 -15.84 40.00
CA LEU B 24 18.35 -16.01 39.53
C LEU B 24 18.45 -15.60 38.05
N ASN B 25 19.30 -14.62 37.77
CA ASN B 25 19.42 -14.05 36.42
C ASN B 25 20.70 -14.48 35.72
N CYS B 26 20.57 -14.75 34.42
CA CYS B 26 21.72 -14.90 33.54
C CYS B 26 21.62 -13.91 32.40
N TYR B 27 22.44 -12.86 32.47
CA TYR B 27 22.46 -11.84 31.44
C TYR B 27 23.55 -12.11 30.41
N VAL B 28 23.12 -12.35 29.17
CA VAL B 28 24.04 -12.57 28.05
C VAL B 28 23.95 -11.37 27.09
N SER B 29 25.09 -10.81 26.72
CA SER B 29 25.10 -9.58 25.90
C SER B 29 26.35 -9.44 25.04
N GLY B 30 26.29 -8.50 24.09
CA GLY B 30 27.42 -8.19 23.23
C GLY B 30 27.77 -9.27 22.22
N PHE B 31 26.78 -10.06 21.81
CA PHE B 31 27.05 -11.20 20.93
C PHE B 31 26.36 -11.11 19.56
N HIS B 32 26.96 -11.82 18.60
CA HIS B 32 26.43 -11.92 17.26
C HIS B 32 27.00 -13.19 16.63
N PRO B 33 26.16 -13.96 15.90
CA PRO B 33 24.75 -13.71 15.59
C PRO B 33 23.82 -14.05 16.76
N SER B 34 22.53 -14.01 16.50
CA SER B 34 21.50 -14.05 17.56
C SER B 34 21.31 -15.41 18.22
N ASP B 35 21.72 -16.49 17.54
CA ASP B 35 21.50 -17.84 18.03
C ASP B 35 22.40 -18.17 19.21
N ILE B 36 21.79 -18.70 20.27
CA ILE B 36 22.46 -18.89 21.54
C ILE B 36 21.64 -19.83 22.44
N GLU B 37 22.35 -20.74 23.13
CA GLU B 37 21.75 -21.61 24.14
C GLU B 37 22.18 -21.13 25.51
N VAL B 38 21.20 -20.95 26.39
CA VAL B 38 21.46 -20.50 27.76
C VAL B 38 20.64 -21.37 28.71
N ASP B 39 21.28 -21.83 29.78
CA ASP B 39 20.62 -22.67 30.77
C ASP B 39 21.04 -22.32 32.18
N LEU B 40 20.10 -22.45 33.10
CA LEU B 40 20.39 -22.22 34.51
C LEU B 40 20.50 -23.58 35.19
N LEU B 41 21.60 -23.76 35.90
CA LEU B 41 21.90 -25.04 36.51
C LEU B 41 21.73 -24.95 38.01
N LYS B 42 21.18 -26.01 38.60
CA LYS B 42 21.15 -26.18 40.04
C LYS B 42 21.89 -27.46 40.38
N ASN B 43 22.99 -27.33 41.12
CA ASN B 43 23.85 -28.45 41.50
C ASN B 43 24.36 -29.26 40.31
N GLY B 44 24.37 -28.63 39.12
CA GLY B 44 24.83 -29.29 37.90
C GLY B 44 23.72 -29.73 36.96
N GLU B 45 22.47 -29.63 37.40
CA GLU B 45 21.32 -30.04 36.59
C GLU B 45 20.53 -28.84 36.04
N ARG B 46 20.08 -28.97 34.78
CA ARG B 46 19.31 -27.92 34.12
C ARG B 46 17.96 -27.71 34.79
N ILE B 47 17.71 -26.47 35.21
CA ILE B 47 16.42 -26.10 35.78
C ILE B 47 15.36 -26.05 34.68
N GLU B 48 14.18 -26.61 34.96
CA GLU B 48 13.13 -26.81 33.97
C GLU B 48 12.42 -25.51 33.55
N LYS B 49 11.79 -24.84 34.50
CA LYS B 49 11.05 -23.60 34.23
C LYS B 49 11.98 -22.39 34.20
N VAL B 50 12.43 -22.04 33.00
CA VAL B 50 13.31 -20.90 32.78
C VAL B 50 12.76 -20.04 31.65
N GLU B 51 12.59 -18.75 31.95
CA GLU B 51 12.05 -17.78 31.00
C GLU B 51 13.13 -16.83 30.51
N HIS B 52 12.93 -16.27 29.33
CA HIS B 52 13.87 -15.29 28.78
C HIS B 52 13.18 -14.04 28.22
N SER B 53 13.90 -12.92 28.26
CA SER B 53 13.42 -11.68 27.69
C SER B 53 13.36 -11.78 26.16
N ASP B 54 12.72 -10.81 25.54
CA ASP B 54 12.62 -10.75 24.10
C ASP B 54 13.93 -10.26 23.49
N LEU B 55 14.42 -10.98 22.48
CA LEU B 55 15.63 -10.64 21.76
C LEU B 55 15.72 -9.16 21.40
N SER B 56 16.80 -8.53 21.84
CA SER B 56 17.05 -7.13 21.52
C SER B 56 18.53 -6.88 21.31
N PHE B 57 18.88 -5.68 20.85
CA PHE B 57 20.25 -5.34 20.53
C PHE B 57 20.58 -3.89 20.88
N SER B 58 21.89 -3.60 20.92
CA SER B 58 22.40 -2.28 21.30
C SER B 58 22.73 -1.42 20.08
N LYS B 59 23.34 -0.26 20.33
CA LYS B 59 23.78 0.64 19.25
C LYS B 59 24.77 -0.02 18.28
N ASP B 60 25.61 -0.93 18.78
CA ASP B 60 26.58 -1.63 17.94
C ASP B 60 26.00 -2.90 17.32
N TRP B 61 24.67 -3.01 17.34
CA TRP B 61 23.92 -4.14 16.79
C TRP B 61 24.04 -5.47 17.56
N SER B 62 24.89 -5.52 18.58
CA SER B 62 25.07 -6.76 19.31
C SER B 62 23.87 -7.04 20.22
N PHE B 63 23.44 -8.31 20.25
CA PHE B 63 22.24 -8.72 20.96
C PHE B 63 22.41 -8.87 22.45
N TYR B 64 21.31 -8.75 23.19
CA TYR B 64 21.30 -9.07 24.60
C TYR B 64 20.04 -9.83 25.01
N LEU B 65 20.18 -10.73 25.98
CA LEU B 65 19.06 -11.50 26.53
C LEU B 65 19.22 -11.68 28.03
N LEU B 66 18.09 -11.70 28.74
CA LEU B 66 18.07 -12.07 30.15
C LEU B 66 17.33 -13.39 30.32
N TYR B 67 17.95 -14.29 31.07
CA TYR B 67 17.32 -15.56 31.44
C TYR B 67 17.09 -15.59 32.94
N TYR B 68 15.89 -15.99 33.34
CA TYR B 68 15.52 -15.92 34.75
C TYR B 68 14.60 -17.04 35.18
N THR B 69 14.73 -17.38 36.46
CA THR B 69 13.88 -18.39 37.10
C THR B 69 13.74 -18.07 38.57
N GLU B 70 12.63 -18.52 39.16
CA GLU B 70 12.39 -18.38 40.59
C GLU B 70 13.24 -19.41 41.32
N PHE B 71 13.95 -18.97 42.35
CA PHE B 71 14.74 -19.88 43.18
C PHE B 71 14.81 -19.45 44.65
N THR B 72 15.28 -20.37 45.48
CA THR B 72 15.48 -20.10 46.90
C THR B 72 16.88 -20.56 47.30
N PRO B 73 17.80 -19.59 47.48
CA PRO B 73 19.20 -19.88 47.81
C PRO B 73 19.38 -20.62 49.13
N THR B 74 20.45 -21.39 49.20
CA THR B 74 20.83 -22.17 50.38
C THR B 74 22.34 -22.04 50.54
N GLU B 75 22.83 -22.42 51.71
CA GLU B 75 24.27 -22.49 51.96
C GLU B 75 24.90 -23.54 51.05
N LYS B 76 24.31 -24.73 51.04
CA LYS B 76 24.89 -25.91 50.40
C LYS B 76 24.60 -26.02 48.90
N ASP B 77 23.57 -25.31 48.44
CA ASP B 77 23.18 -25.32 47.03
C ASP B 77 24.07 -24.42 46.20
N GLU B 78 24.37 -24.86 44.98
CA GLU B 78 25.12 -24.08 44.00
C GLU B 78 24.39 -23.94 42.68
N TYR B 79 24.43 -22.73 42.12
CA TYR B 79 23.74 -22.42 40.87
C TYR B 79 24.72 -21.85 39.84
N ALA B 80 24.45 -22.09 38.57
CA ALA B 80 25.33 -21.59 37.50
C ALA B 80 24.57 -21.24 36.23
N CYS B 81 25.21 -20.44 35.38
CA CYS B 81 24.69 -20.25 34.03
C CYS B 81 25.54 -21.04 33.05
N ARG B 82 24.88 -21.52 32.00
CA ARG B 82 25.54 -22.35 31.01
C ARG B 82 25.18 -21.82 29.63
N VAL B 83 26.18 -21.35 28.90
CA VAL B 83 25.97 -20.65 27.65
C VAL B 83 26.68 -21.34 26.49
N ASN B 84 25.95 -21.59 25.41
CA ASN B 84 26.57 -22.08 24.20
C ASN B 84 26.32 -21.18 23.01
N HIS B 85 27.38 -20.93 22.25
CA HIS B 85 27.36 -20.01 21.12
C HIS B 85 28.32 -20.49 20.04
N VAL B 86 28.09 -20.06 18.80
CA VAL B 86 28.95 -20.45 17.69
C VAL B 86 30.42 -20.01 17.93
N THR B 87 30.60 -18.90 18.64
CA THR B 87 31.93 -18.38 18.97
C THR B 87 32.65 -19.19 20.05
N LEU B 88 31.92 -20.07 20.74
CA LEU B 88 32.52 -20.91 21.78
C LEU B 88 32.84 -22.30 21.26
N SER B 89 33.99 -22.83 21.68
CA SER B 89 34.42 -24.19 21.30
C SER B 89 33.95 -25.25 22.30
N GLN B 90 33.36 -24.79 23.40
CA GLN B 90 32.67 -25.65 24.36
C GLN B 90 31.68 -24.78 25.14
N PRO B 91 30.59 -25.38 25.65
CA PRO B 91 29.70 -24.59 26.50
C PRO B 91 30.45 -23.96 27.67
N LYS B 92 30.26 -22.66 27.87
CA LYS B 92 30.91 -21.92 28.94
C LYS B 92 30.01 -21.88 30.17
N ILE B 93 30.49 -22.47 31.27
CA ILE B 93 29.75 -22.50 32.52
C ILE B 93 30.32 -21.46 33.46
N VAL B 94 29.45 -20.61 34.01
CA VAL B 94 29.85 -19.62 35.01
C VAL B 94 28.99 -19.76 36.26
N LYS B 95 29.66 -20.05 37.37
CA LYS B 95 28.99 -20.28 38.65
C LYS B 95 28.48 -18.98 39.27
N TRP B 96 27.38 -19.06 40.01
CA TRP B 96 26.85 -17.90 40.69
C TRP B 96 27.64 -17.65 41.97
N ASP B 97 28.17 -16.44 42.07
CA ASP B 97 28.91 -16.00 43.25
C ASP B 97 28.13 -14.86 43.88
N ARG B 98 27.64 -15.07 45.10
CA ARG B 98 26.82 -14.07 45.80
C ARG B 98 27.56 -12.76 46.12
N ASP B 99 28.81 -12.65 45.66
CA ASP B 99 29.58 -11.42 45.75
C ASP B 99 29.70 -10.73 44.38
N MET B 100 28.95 -11.24 43.42
CA MET B 100 28.88 -10.69 42.05
C MET B 100 27.44 -10.69 41.51
N VAL C 1 3.73 3.40 18.67
CA VAL C 1 3.63 2.31 17.65
C VAL C 1 4.90 2.21 16.81
N MET C 2 5.13 1.02 16.25
CA MET C 2 6.26 0.81 15.36
C MET C 2 6.00 1.46 14.00
N ALA C 3 7.07 1.69 13.26
CA ALA C 3 6.99 2.29 11.92
C ALA C 3 6.10 1.45 11.00
N PRO C 4 5.10 2.09 10.38
CA PRO C 4 4.10 1.39 9.58
C PRO C 4 4.59 1.03 8.17
N ARG C 5 5.77 1.51 7.80
CA ARG C 5 6.37 1.18 6.51
C ARG C 5 7.87 1.00 6.64
N THR C 6 8.41 0.04 5.89
CA THR C 6 9.85 -0.19 5.82
C THR C 6 10.34 -0.08 4.38
N LEU C 7 11.65 -0.25 4.19
CA LEU C 7 12.27 -0.23 2.88
C LEU C 7 12.28 -1.61 2.21
N ILE C 8 12.04 -1.62 0.91
CA ILE C 8 12.29 -2.77 0.04
C ILE C 8 13.69 -2.57 -0.53
N LEU C 9 14.69 -3.15 0.13
CA LEU C 9 16.10 -2.92 -0.18
C LEU C 9 16.50 -3.48 -1.55
N LYS D 1 -14.65 6.62 4.99
CA LYS D 1 -13.60 7.66 4.82
C LYS D 1 -13.80 8.43 3.50
N THR D 2 -13.29 9.67 3.47
CA THR D 2 -13.39 10.63 2.32
C THR D 2 -14.76 10.79 1.64
N THR D 3 -15.27 12.02 1.65
CA THR D 3 -16.48 12.35 0.88
C THR D 3 -16.24 13.38 -0.23
N GLN D 4 -16.82 13.08 -1.39
CA GLN D 4 -16.75 13.94 -2.56
C GLN D 4 -18.16 14.11 -3.09
N PRO D 5 -18.44 15.23 -3.77
CA PRO D 5 -19.75 15.33 -4.39
C PRO D 5 -19.83 14.31 -5.52
N PRO D 6 -20.96 13.57 -5.63
CA PRO D 6 -21.07 12.47 -6.61
C PRO D 6 -20.94 12.90 -8.07
N SER D 7 -21.26 14.16 -8.36
CA SER D 7 -21.16 14.70 -9.72
C SER D 7 -20.74 16.16 -9.72
N MET D 8 -20.18 16.60 -10.85
CA MET D 8 -19.78 17.99 -11.03
C MET D 8 -19.76 18.36 -12.49
N ASP D 9 -20.50 19.41 -12.82
CA ASP D 9 -20.49 19.98 -14.15
C ASP D 9 -19.43 21.07 -14.20
N CYS D 10 -18.82 21.23 -15.36
CA CYS D 10 -17.70 22.16 -15.52
C CYS D 10 -17.59 22.65 -16.97
N ALA D 11 -17.28 23.93 -17.15
CA ALA D 11 -17.06 24.49 -18.49
C ALA D 11 -15.62 24.25 -18.94
N GLU D 12 -15.44 23.96 -20.23
CA GLU D 12 -14.10 23.76 -20.76
C GLU D 12 -13.31 25.06 -20.81
N GLY D 13 -11.99 24.94 -20.69
CA GLY D 13 -11.10 26.09 -20.74
C GLY D 13 -10.85 26.72 -19.39
N ARG D 14 -11.88 26.74 -18.55
CA ARG D 14 -11.76 27.26 -17.18
C ARG D 14 -11.22 26.19 -16.23
N ALA D 15 -10.89 26.62 -15.01
CA ALA D 15 -10.32 25.72 -14.01
C ALA D 15 -11.41 24.96 -13.27
N ALA D 16 -11.10 23.74 -12.85
CA ALA D 16 -12.05 22.92 -12.10
C ALA D 16 -11.53 22.71 -10.69
N ASN D 17 -12.40 22.93 -9.71
CA ASN D 17 -12.04 22.73 -8.31
C ASN D 17 -12.90 21.62 -7.69
N LEU D 18 -12.26 20.48 -7.47
CA LEU D 18 -12.94 19.29 -6.95
C LEU D 18 -12.64 19.19 -5.47
N PRO D 19 -13.68 19.20 -4.63
CA PRO D 19 -13.43 19.16 -3.20
C PRO D 19 -13.38 17.71 -2.70
N CYS D 20 -12.78 17.55 -1.52
CA CYS D 20 -12.70 16.25 -0.85
C CYS D 20 -12.62 16.49 0.65
N ASN D 21 -13.45 15.75 1.40
CA ASN D 21 -13.36 15.80 2.85
C ASN D 21 -12.86 14.54 3.50
N HIS D 22 -11.96 14.74 4.46
CA HIS D 22 -11.37 13.65 5.22
C HIS D 22 -11.07 14.15 6.63
N SER D 23 -12.12 14.44 7.39
CA SER D 23 -11.97 15.00 8.74
C SER D 23 -11.45 14.02 9.82
N THR D 24 -11.41 12.72 9.54
CA THR D 24 -10.85 11.75 10.48
C THR D 24 -9.34 11.57 10.28
N ILE D 25 -8.80 12.15 9.21
CA ILE D 25 -7.41 11.99 8.82
C ILE D 25 -6.40 12.19 9.97
N SER D 26 -5.40 11.32 10.02
CA SER D 26 -4.33 11.42 11.00
C SER D 26 -3.03 11.81 10.29
N GLY D 27 -2.04 12.20 11.10
CA GLY D 27 -0.80 12.80 10.62
C GLY D 27 0.13 12.00 9.72
N ASN D 28 -0.14 10.70 9.56
CA ASN D 28 0.65 9.87 8.64
C ASN D 28 -0.16 9.30 7.48
N GLU D 29 -1.38 9.82 7.31
CA GLU D 29 -2.23 9.44 6.19
C GLU D 29 -2.06 10.43 5.05
N TYR D 30 -1.85 9.92 3.84
CA TYR D 30 -1.59 10.76 2.67
C TYR D 30 -2.82 10.92 1.77
N VAL D 31 -3.01 12.12 1.22
CA VAL D 31 -4.14 12.38 0.32
C VAL D 31 -3.71 12.16 -1.13
N TYR D 32 -4.32 11.18 -1.77
CA TYR D 32 -4.04 10.84 -3.17
C TYR D 32 -5.24 11.16 -4.04
N TRP D 33 -4.98 11.48 -5.31
CA TRP D 33 -6.04 11.62 -6.29
C TRP D 33 -5.71 10.78 -7.52
N TYR D 34 -6.62 9.88 -7.87
CA TYR D 34 -6.55 9.16 -9.13
C TYR D 34 -7.75 9.55 -9.98
N ARG D 35 -7.71 9.24 -11.27
CA ARG D 35 -8.91 9.36 -12.09
C ARG D 35 -9.07 8.16 -13.04
N GLN D 36 -10.30 7.91 -13.46
CA GLN D 36 -10.58 6.91 -14.49
C GLN D 36 -11.46 7.50 -15.61
N ILE D 37 -10.92 7.48 -16.82
CA ILE D 37 -11.65 7.88 -18.00
C ILE D 37 -12.32 6.64 -18.59
N HIS D 38 -13.64 6.70 -18.77
CA HIS D 38 -14.42 5.54 -19.21
C HIS D 38 -14.07 4.28 -18.41
N SER D 39 -13.79 3.18 -19.09
CA SER D 39 -13.47 1.92 -18.41
C SER D 39 -11.98 1.53 -18.52
N GLN D 40 -11.14 2.51 -18.85
CA GLN D 40 -9.71 2.24 -18.96
C GLN D 40 -8.98 2.47 -17.63
N GLY D 41 -7.79 1.88 -17.51
CA GLY D 41 -7.02 1.90 -16.26
C GLY D 41 -7.03 3.23 -15.51
N PRO D 42 -7.29 3.18 -14.18
CA PRO D 42 -7.21 4.36 -13.32
C PRO D 42 -5.86 5.04 -13.46
N GLN D 43 -5.83 6.35 -13.24
CA GLN D 43 -4.63 7.14 -13.55
C GLN D 43 -4.21 8.06 -12.42
N TYR D 44 -3.02 7.82 -11.89
CA TYR D 44 -2.43 8.69 -10.89
C TYR D 44 -2.41 10.13 -11.38
N ILE D 45 -2.83 11.05 -10.53
CA ILE D 45 -2.78 12.48 -10.83
C ILE D 45 -1.78 13.19 -9.92
N ILE D 46 -2.04 13.18 -8.62
CA ILE D 46 -1.18 13.88 -7.66
C ILE D 46 -1.43 13.33 -6.26
N HIS D 47 -0.51 13.59 -5.34
CA HIS D 47 -0.71 13.29 -3.93
C HIS D 47 0.05 14.27 -3.05
N GLY D 48 -0.39 14.42 -1.81
CA GLY D 48 0.25 15.35 -0.88
C GLY D 48 0.03 14.95 0.56
N LEU D 49 0.78 15.59 1.45
CA LEU D 49 0.58 15.38 2.88
C LEU D 49 -0.08 16.60 3.54
N LYS D 50 0.65 17.72 3.64
CA LYS D 50 0.11 18.88 4.36
C LYS D 50 0.12 20.19 3.59
N ASN D 51 1.17 20.43 2.83
CA ASN D 51 1.23 21.66 2.05
C ASN D 51 0.74 21.42 0.63
N ASN D 52 0.51 22.52 -0.09
CA ASN D 52 0.09 22.45 -1.48
C ASN D 52 1.15 21.81 -2.35
N GLU D 53 0.74 21.32 -3.52
CA GLU D 53 1.70 20.77 -4.47
C GLU D 53 1.19 20.87 -5.91
N THR D 54 2.13 20.91 -6.84
CA THR D 54 1.82 21.09 -8.25
C THR D 54 2.70 20.18 -9.11
N ASN D 55 2.07 19.58 -10.11
CA ASN D 55 2.78 18.92 -11.19
C ASN D 55 2.22 19.41 -12.53
N GLU D 56 2.56 18.74 -13.62
CA GLU D 56 2.13 19.19 -14.94
C GLU D 56 0.68 18.82 -15.24
N MET D 57 0.14 17.86 -14.50
CA MET D 57 -1.25 17.45 -14.66
C MET D 57 -2.20 18.32 -13.84
N ALA D 58 -1.85 18.58 -12.59
CA ALA D 58 -2.76 19.23 -11.63
C ALA D 58 -2.07 19.85 -10.42
N SER D 59 -2.88 20.52 -9.59
CA SER D 59 -2.44 21.04 -8.31
C SER D 59 -3.29 20.51 -7.16
N LEU D 60 -2.73 20.54 -5.95
CA LEU D 60 -3.41 20.07 -4.76
C LEU D 60 -3.34 21.14 -3.67
N ILE D 61 -4.48 21.38 -3.03
CA ILE D 61 -4.55 22.34 -1.93
C ILE D 61 -5.09 21.58 -0.73
N ILE D 62 -4.28 21.55 0.33
CA ILE D 62 -4.66 20.89 1.57
C ILE D 62 -4.70 21.93 2.66
N THR D 63 -5.82 22.01 3.38
CA THR D 63 -5.99 23.03 4.42
C THR D 63 -5.02 22.82 5.58
N GLU D 64 -4.78 23.89 6.34
CA GLU D 64 -3.86 23.84 7.47
C GLU D 64 -4.31 22.80 8.49
N ASP D 65 -5.62 22.72 8.70
CA ASP D 65 -6.23 21.72 9.57
C ASP D 65 -6.17 20.30 9.00
N ARG D 66 -5.88 20.19 7.70
CA ARG D 66 -5.76 18.88 7.01
C ARG D 66 -7.11 18.15 6.78
N LYS D 67 -8.21 18.79 7.16
CA LYS D 67 -9.51 18.12 7.15
C LYS D 67 -10.18 18.07 5.76
N SER D 68 -9.63 18.81 4.79
CA SER D 68 -10.19 18.81 3.45
C SER D 68 -9.15 19.11 2.37
N SER D 69 -9.48 18.75 1.13
CA SER D 69 -8.57 18.89 -0.01
C SER D 69 -9.27 19.47 -1.22
N THR D 70 -8.48 20.01 -2.15
CA THR D 70 -8.98 20.45 -3.45
C THR D 70 -8.02 20.00 -4.54
N LEU D 71 -8.54 19.26 -5.51
CA LEU D 71 -7.83 19.06 -6.76
C LEU D 71 -8.16 20.22 -7.69
N ILE D 72 -7.11 20.87 -8.22
CA ILE D 72 -7.29 21.90 -9.24
C ILE D 72 -6.73 21.46 -10.58
N LEU D 73 -7.61 21.38 -11.57
CA LEU D 73 -7.19 21.13 -12.95
C LEU D 73 -7.10 22.48 -13.65
N PRO D 74 -5.90 22.83 -14.14
CA PRO D 74 -5.55 24.20 -14.57
C PRO D 74 -6.45 24.76 -15.70
N HIS D 75 -6.56 24.03 -16.81
CA HIS D 75 -7.38 24.43 -17.96
C HIS D 75 -8.12 23.20 -18.49
N ALA D 76 -9.34 22.99 -18.00
CA ALA D 76 -10.09 21.78 -18.28
C ALA D 76 -10.42 21.58 -19.76
N THR D 77 -10.21 20.37 -20.26
CA THR D 77 -10.62 19.98 -21.60
C THR D 77 -11.62 18.82 -21.54
N LEU D 78 -12.06 18.36 -22.72
CA LEU D 78 -13.02 17.25 -22.80
C LEU D 78 -12.37 15.91 -22.43
N ARG D 79 -11.05 15.83 -22.61
CA ARG D 79 -10.25 14.70 -22.18
C ARG D 79 -10.31 14.53 -20.66
N ASP D 80 -10.51 15.65 -19.96
CA ASP D 80 -10.54 15.67 -18.50
C ASP D 80 -11.87 15.18 -17.90
N THR D 81 -12.82 14.81 -18.76
CA THR D 81 -14.06 14.16 -18.32
C THR D 81 -13.78 12.74 -17.85
N ALA D 82 -13.99 12.52 -16.54
CA ALA D 82 -13.66 11.25 -15.89
C ALA D 82 -14.30 11.20 -14.53
N VAL D 83 -14.23 10.03 -13.91
CA VAL D 83 -14.49 9.92 -12.47
C VAL D 83 -13.17 10.23 -11.77
N TYR D 84 -13.23 11.07 -10.74
CA TYR D 84 -12.05 11.49 -9.98
C TYR D 84 -12.15 10.99 -8.55
N TYR D 85 -11.19 10.16 -8.19
CA TYR D 85 -11.21 9.54 -6.89
C TYR D 85 -10.23 10.22 -5.94
N CYS D 86 -10.74 10.61 -4.79
CA CYS D 86 -9.91 11.13 -3.72
C CYS D 86 -9.80 10.03 -2.67
N ILE D 87 -8.57 9.53 -2.51
CA ILE D 87 -8.29 8.36 -1.69
C ILE D 87 -7.24 8.73 -0.64
N VAL D 88 -7.55 8.46 0.62
CA VAL D 88 -6.58 8.65 1.69
C VAL D 88 -5.91 7.31 1.95
N VAL D 89 -4.57 7.32 1.98
CA VAL D 89 -3.79 6.10 2.25
C VAL D 89 -2.81 6.33 3.39
N ARG D 90 -3.01 5.58 4.47
CA ARG D 90 -2.10 5.60 5.62
C ARG D 90 -0.80 4.95 5.21
N SER D 91 0.33 5.52 5.65
CA SER D 91 1.63 4.90 5.48
C SER D 91 1.56 3.40 5.76
N SER D 92 1.96 2.59 4.78
CA SER D 92 1.96 1.15 4.90
C SER D 92 2.96 0.54 3.93
N ASN D 93 3.19 -0.77 4.04
CA ASN D 93 4.13 -1.45 3.15
C ASN D 93 3.49 -1.94 1.86
N THR D 94 2.20 -1.67 1.72
CA THR D 94 1.43 -2.07 0.54
C THR D 94 0.85 -0.85 -0.20
N GLY D 95 0.38 0.15 0.55
CA GLY D 95 -0.19 1.36 -0.03
C GLY D 95 -1.47 1.14 -0.83
N LYS D 96 -2.28 0.20 -0.37
CA LYS D 96 -3.50 -0.26 -1.05
C LYS D 96 -4.52 0.86 -1.19
N LEU D 97 -5.16 0.95 -2.37
CA LEU D 97 -6.10 2.03 -2.68
C LEU D 97 -7.55 1.58 -2.50
N ILE D 98 -8.30 2.39 -1.77
CA ILE D 98 -9.73 2.16 -1.56
C ILE D 98 -10.51 3.18 -2.39
N PHE D 99 -11.05 2.75 -3.53
CA PHE D 99 -11.79 3.65 -4.43
C PHE D 99 -13.20 3.87 -3.91
N GLY D 100 -13.50 5.11 -3.51
CA GLY D 100 -14.84 5.49 -3.12
C GLY D 100 -15.69 5.69 -4.36
N GLN D 101 -16.77 6.46 -4.21
CA GLN D 101 -17.67 6.74 -5.33
C GLN D 101 -17.03 7.75 -6.29
N GLY D 102 -16.21 8.65 -5.74
CA GLY D 102 -15.52 9.67 -6.53
C GLY D 102 -16.46 10.73 -7.08
N THR D 103 -15.88 11.74 -7.73
CA THR D 103 -16.69 12.76 -8.40
C THR D 103 -16.72 12.49 -9.90
N THR D 104 -17.91 12.32 -10.45
CA THR D 104 -18.06 12.20 -11.90
C THR D 104 -18.06 13.60 -12.52
N LEU D 105 -16.94 13.95 -13.15
CA LEU D 105 -16.71 15.27 -13.71
C LEU D 105 -17.09 15.32 -15.18
N GLN D 106 -18.16 16.03 -15.50
CA GLN D 106 -18.54 16.25 -16.89
C GLN D 106 -18.03 17.63 -17.32
N VAL D 107 -17.08 17.64 -18.25
CA VAL D 107 -16.63 18.90 -18.83
C VAL D 107 -17.55 19.21 -20.00
N LYS D 108 -18.47 20.14 -19.77
CA LYS D 108 -19.41 20.57 -20.78
C LYS D 108 -18.69 21.48 -21.77
N PRO D 109 -18.80 21.16 -23.08
CA PRO D 109 -18.22 21.98 -24.13
C PRO D 109 -18.95 23.32 -24.30
N ASP D 110 -18.36 24.18 -25.13
CA ASP D 110 -18.82 25.56 -25.33
C ASP D 110 -20.20 25.69 -25.97
N ILE D 111 -20.32 25.18 -27.19
CA ILE D 111 -21.50 25.30 -28.06
C ILE D 111 -21.68 26.74 -28.55
N GLN D 112 -20.74 27.18 -29.37
CA GLN D 112 -20.77 28.51 -29.98
C GLN D 112 -21.82 28.68 -31.05
N ASN D 113 -22.15 27.59 -31.75
CA ASN D 113 -23.11 27.65 -32.83
C ASN D 113 -24.32 26.77 -32.53
N PRO D 114 -25.23 27.25 -31.67
CA PRO D 114 -26.42 26.44 -31.46
C PRO D 114 -27.30 26.54 -32.69
N ASP D 115 -27.85 25.40 -33.11
CA ASP D 115 -28.75 25.35 -34.25
C ASP D 115 -29.60 24.09 -34.10
N PRO D 116 -30.34 23.99 -32.97
CA PRO D 116 -31.05 22.76 -32.62
C PRO D 116 -32.01 22.30 -33.71
N ALA D 117 -31.90 21.02 -34.08
CA ALA D 117 -32.66 20.49 -35.21
C ALA D 117 -32.84 18.98 -35.09
N VAL D 118 -33.90 18.45 -35.69
CA VAL D 118 -34.12 17.00 -35.73
C VAL D 118 -34.18 16.52 -37.18
N TYR D 119 -33.18 15.77 -37.58
CA TYR D 119 -33.07 15.27 -38.95
C TYR D 119 -33.42 13.80 -39.04
N GLN D 120 -33.88 13.38 -40.21
CA GLN D 120 -34.06 11.95 -40.49
C GLN D 120 -32.94 11.46 -41.38
N LEU D 121 -32.38 10.31 -41.03
CA LEU D 121 -31.28 9.71 -41.76
C LEU D 121 -31.67 8.31 -42.22
N ARG D 122 -31.38 8.01 -43.49
CA ARG D 122 -31.75 6.73 -44.05
C ARG D 122 -30.56 5.80 -44.25
N ASP D 123 -30.83 4.50 -44.17
CA ASP D 123 -29.82 3.46 -44.31
C ASP D 123 -29.20 3.51 -45.71
N SER D 124 -27.94 3.10 -45.80
CA SER D 124 -27.24 3.01 -47.09
C SER D 124 -27.66 1.78 -47.89
N LYS D 125 -28.51 0.94 -47.29
CA LYS D 125 -28.95 -0.31 -47.92
C LYS D 125 -30.43 -0.32 -48.34
N SER D 126 -31.31 -0.72 -47.42
CA SER D 126 -32.74 -0.92 -47.74
C SER D 126 -33.62 -1.07 -46.50
N SER D 127 -34.94 -1.08 -46.73
CA SER D 127 -35.96 -1.42 -45.72
C SER D 127 -35.93 -0.57 -44.45
N ASP D 128 -35.11 -1.01 -43.49
CA ASP D 128 -35.03 -0.43 -42.15
C ASP D 128 -35.02 1.09 -42.17
N LYS D 129 -33.85 1.66 -42.43
CA LYS D 129 -33.63 3.11 -42.38
C LYS D 129 -34.19 3.65 -41.06
N SER D 130 -34.77 4.85 -41.09
CA SER D 130 -35.42 5.46 -39.93
C SER D 130 -34.50 5.55 -38.68
N VAL D 131 -33.62 6.55 -38.69
CA VAL D 131 -32.92 6.97 -37.50
C VAL D 131 -33.08 8.49 -37.38
N CYS D 132 -33.46 8.94 -36.18
CA CYS D 132 -33.62 10.37 -35.93
C CYS D 132 -32.42 10.92 -35.19
N LEU D 133 -31.93 12.06 -35.66
CA LEU D 133 -30.75 12.71 -35.10
C LEU D 133 -31.13 14.07 -34.52
N PHE D 134 -31.09 14.17 -33.19
CA PHE D 134 -31.25 15.44 -32.51
C PHE D 134 -29.86 16.03 -32.31
N THR D 135 -29.59 17.15 -32.97
CA THR D 135 -28.26 17.75 -32.95
C THR D 135 -28.23 19.27 -32.78
N ASP D 136 -27.05 19.78 -32.41
CA ASP D 136 -26.72 21.21 -32.37
C ASP D 136 -27.44 22.03 -31.28
N PHE D 137 -27.82 21.37 -30.19
CA PHE D 137 -28.41 22.05 -29.05
C PHE D 137 -27.34 22.39 -28.01
N ASP D 138 -27.58 23.40 -27.19
CA ASP D 138 -26.65 23.76 -26.13
C ASP D 138 -26.66 22.77 -24.97
N SER D 139 -25.65 22.87 -24.10
CA SER D 139 -25.47 21.94 -22.99
C SER D 139 -26.48 22.20 -21.85
N GLN D 140 -27.39 23.13 -22.07
CA GLN D 140 -28.54 23.37 -21.22
C GLN D 140 -29.57 22.23 -21.36
N THR D 141 -29.82 21.83 -22.61
CA THR D 141 -30.80 20.79 -22.96
C THR D 141 -30.45 19.39 -22.41
N ASN D 142 -31.43 18.74 -21.80
CA ASN D 142 -31.29 17.38 -21.27
C ASN D 142 -32.11 16.38 -22.07
N VAL D 143 -31.44 15.40 -22.66
CA VAL D 143 -32.13 14.37 -23.45
C VAL D 143 -32.56 13.19 -22.58
N SER D 144 -33.86 13.10 -22.29
CA SER D 144 -34.41 12.01 -21.50
C SER D 144 -34.58 10.74 -22.32
N GLN D 145 -34.55 9.60 -21.63
CA GLN D 145 -34.87 8.31 -22.25
C GLN D 145 -36.37 8.25 -22.55
N SER D 146 -36.75 7.38 -23.48
CA SER D 146 -38.15 7.25 -23.91
C SER D 146 -39.00 6.53 -22.86
N LYS D 147 -40.29 6.88 -22.84
CA LYS D 147 -41.26 6.16 -22.02
C LYS D 147 -41.72 4.89 -22.73
N ASP D 148 -41.72 4.93 -24.06
CA ASP D 148 -42.05 3.77 -24.89
C ASP D 148 -40.91 2.75 -24.85
N SER D 149 -41.25 1.50 -24.56
CA SER D 149 -40.26 0.43 -24.36
C SER D 149 -39.59 0.04 -25.66
N ASP D 150 -40.24 0.34 -26.77
CA ASP D 150 -39.79 -0.12 -28.09
C ASP D 150 -39.22 1.03 -28.92
N VAL D 151 -38.87 2.12 -28.24
CA VAL D 151 -38.17 3.24 -28.85
C VAL D 151 -36.83 3.43 -28.14
N TYR D 152 -35.75 3.41 -28.92
CA TYR D 152 -34.43 3.50 -28.35
C TYR D 152 -33.87 4.90 -28.51
N ILE D 153 -33.48 5.50 -27.39
CA ILE D 153 -32.83 6.82 -27.39
C ILE D 153 -31.50 6.78 -26.62
N THR D 154 -30.45 7.28 -27.27
CA THR D 154 -29.11 7.35 -26.69
C THR D 154 -28.91 8.58 -25.81
N ASP D 155 -28.00 8.49 -24.85
CA ASP D 155 -27.50 9.67 -24.15
C ASP D 155 -26.90 10.68 -25.13
N LYS D 156 -26.81 11.94 -24.71
CA LYS D 156 -26.18 12.96 -25.54
C LYS D 156 -24.66 12.81 -25.45
N CYS D 157 -23.99 12.73 -26.61
CA CYS D 157 -22.54 12.80 -26.58
C CYS D 157 -22.01 13.93 -27.45
N VAL D 158 -20.74 14.28 -27.24
CA VAL D 158 -20.18 15.51 -27.80
C VAL D 158 -19.23 15.24 -28.96
N LEU D 159 -19.34 16.10 -29.97
CA LEU D 159 -18.65 15.97 -31.23
C LEU D 159 -17.51 16.99 -31.28
N ASP D 160 -16.30 16.54 -31.52
CA ASP D 160 -15.17 17.46 -31.58
C ASP D 160 -14.57 17.49 -32.97
N MET D 161 -15.01 18.46 -33.78
CA MET D 161 -14.39 18.72 -35.07
C MET D 161 -13.28 19.71 -34.84
N ARG D 162 -12.10 19.18 -34.48
CA ARG D 162 -10.98 20.01 -34.02
C ARG D 162 -10.51 21.08 -35.01
N SER D 163 -10.29 20.68 -36.26
CA SER D 163 -9.76 21.59 -37.29
C SER D 163 -10.73 22.72 -37.64
N MET D 164 -11.96 22.60 -37.17
CA MET D 164 -13.02 23.56 -37.44
C MET D 164 -13.17 24.55 -36.29
N ASP D 165 -12.55 24.23 -35.14
CA ASP D 165 -12.82 24.88 -33.87
C ASP D 165 -14.33 24.82 -33.56
N PHE D 166 -14.88 23.62 -33.67
CA PHE D 166 -16.31 23.39 -33.62
C PHE D 166 -16.63 22.15 -32.81
N LYS D 167 -17.56 22.29 -31.87
CA LYS D 167 -18.09 21.16 -31.11
C LYS D 167 -19.61 21.17 -31.18
N SER D 168 -20.23 19.99 -31.07
CA SER D 168 -21.69 19.89 -31.11
C SER D 168 -22.21 18.68 -30.36
N ASN D 169 -23.38 18.83 -29.73
CA ASN D 169 -24.06 17.76 -29.01
C ASN D 169 -25.01 16.98 -29.93
N SER D 170 -25.19 15.70 -29.66
CA SER D 170 -26.16 14.90 -30.43
C SER D 170 -26.75 13.75 -29.64
N ALA D 171 -27.98 13.37 -30.00
CA ALA D 171 -28.65 12.19 -29.47
C ALA D 171 -29.39 11.48 -30.60
N VAL D 172 -29.28 10.16 -30.63
CA VAL D 172 -29.86 9.36 -31.71
C VAL D 172 -31.06 8.60 -31.19
N ALA D 173 -32.16 8.63 -31.96
CA ALA D 173 -33.35 7.84 -31.63
C ALA D 173 -33.77 6.94 -32.79
N TRP D 174 -34.21 5.72 -32.47
CA TRP D 174 -34.76 4.78 -33.45
C TRP D 174 -35.74 3.81 -32.79
N SER D 175 -36.52 3.10 -33.61
CA SER D 175 -37.57 2.22 -33.08
C SER D 175 -38.03 1.11 -34.02
N ASN D 176 -37.96 1.38 -35.33
CA ASN D 176 -38.43 0.48 -36.40
C ASN D 176 -39.92 0.06 -36.40
N LYS D 177 -40.68 0.53 -35.40
CA LYS D 177 -42.13 0.33 -35.41
C LYS D 177 -42.80 1.30 -36.39
N SER D 178 -44.06 1.03 -36.71
CA SER D 178 -44.80 1.75 -37.77
C SER D 178 -44.88 3.27 -37.56
N ASP D 179 -45.72 3.68 -36.60
CA ASP D 179 -45.99 5.10 -36.36
C ASP D 179 -44.90 5.76 -35.52
N PHE D 180 -43.69 5.81 -36.06
CA PHE D 180 -42.57 6.48 -35.43
C PHE D 180 -41.94 7.51 -36.36
N ALA D 181 -42.30 8.77 -36.14
CA ALA D 181 -41.74 9.87 -36.91
C ALA D 181 -40.69 10.59 -36.08
N CYS D 182 -39.87 11.40 -36.73
CA CYS D 182 -38.87 12.20 -36.06
C CYS D 182 -39.49 13.39 -35.32
N ALA D 183 -40.77 13.63 -35.55
CA ALA D 183 -41.48 14.73 -34.91
C ALA D 183 -41.86 14.42 -33.46
N ASN D 184 -42.13 13.16 -33.17
CA ASN D 184 -42.54 12.74 -31.83
C ASN D 184 -41.46 11.99 -31.09
N ALA D 185 -40.32 11.79 -31.76
CA ALA D 185 -39.24 10.96 -31.26
C ALA D 185 -38.70 11.45 -29.92
N PHE D 186 -38.63 12.76 -29.75
CA PHE D 186 -38.09 13.37 -28.54
C PHE D 186 -39.15 14.09 -27.71
N ASN D 187 -40.38 13.61 -27.79
CA ASN D 187 -41.49 14.14 -27.00
C ASN D 187 -41.26 14.07 -25.49
N ASN D 188 -40.39 13.18 -25.03
CA ASN D 188 -40.15 13.02 -23.59
C ASN D 188 -39.06 13.93 -23.02
N SER D 189 -38.43 14.71 -23.88
CA SER D 189 -37.43 15.69 -23.46
C SER D 189 -37.95 17.10 -23.72
N ILE D 190 -37.47 18.08 -22.94
CA ILE D 190 -37.77 19.47 -23.21
C ILE D 190 -36.80 19.97 -24.27
N ILE D 191 -37.27 20.02 -25.51
CA ILE D 191 -36.45 20.49 -26.61
C ILE D 191 -36.65 22.00 -26.79
N PRO D 192 -35.59 22.74 -27.12
CA PRO D 192 -35.75 24.18 -27.22
C PRO D 192 -36.85 24.59 -28.20
N GLU D 193 -37.48 25.72 -27.92
CA GLU D 193 -38.38 26.38 -28.86
C GLU D 193 -37.60 26.66 -30.14
N ASP D 194 -38.28 26.60 -31.27
CA ASP D 194 -37.67 26.87 -32.58
C ASP D 194 -36.59 25.84 -32.96
N THR D 195 -36.75 24.61 -32.44
CA THR D 195 -35.96 23.47 -32.90
C THR D 195 -36.38 23.18 -34.34
N PHE D 196 -35.41 23.16 -35.25
CA PHE D 196 -35.72 23.04 -36.67
C PHE D 196 -36.26 21.65 -37.05
N PHE D 197 -37.48 21.63 -37.57
CA PHE D 197 -38.08 20.42 -38.09
C PHE D 197 -38.27 20.50 -39.61
N PRO D 198 -37.43 19.76 -40.36
CA PRO D 198 -37.49 19.70 -41.80
C PRO D 198 -38.77 19.03 -42.26
N SER D 199 -39.39 19.60 -43.29
CA SER D 199 -40.53 18.98 -43.95
C SER D 199 -40.04 17.98 -45.00
N GLY E 1 4.45 1.38 -20.19
CA GLY E 1 3.16 1.18 -19.48
C GLY E 1 2.93 -0.28 -19.10
N VAL E 2 1.96 -0.50 -18.22
CA VAL E 2 1.56 -1.83 -17.81
C VAL E 2 0.78 -2.51 -18.96
N THR E 3 1.02 -3.80 -19.15
CA THR E 3 0.37 -4.56 -20.22
C THR E 3 -0.50 -5.66 -19.62
N GLN E 4 -1.62 -5.94 -20.29
CA GLN E 4 -2.53 -6.98 -19.83
C GLN E 4 -3.07 -7.79 -20.98
N PHE E 5 -3.27 -9.09 -20.74
CA PHE E 5 -3.81 -9.99 -21.75
C PHE E 5 -4.69 -11.04 -21.07
N PRO E 6 -5.83 -11.42 -21.69
CA PRO E 6 -6.39 -10.84 -22.90
C PRO E 6 -7.13 -9.54 -22.58
N SER E 7 -7.46 -8.75 -23.59
CA SER E 7 -8.18 -7.50 -23.33
C SER E 7 -9.65 -7.80 -22.99
N HIS E 8 -10.18 -8.83 -23.65
CA HIS E 8 -11.53 -9.30 -23.42
C HIS E 8 -11.56 -10.82 -23.25
N SER E 9 -12.60 -11.32 -22.58
CA SER E 9 -12.80 -12.76 -22.44
C SER E 9 -14.24 -13.10 -22.06
N VAL E 10 -14.88 -13.90 -22.89
CA VAL E 10 -16.18 -14.47 -22.55
C VAL E 10 -16.05 -15.99 -22.46
N ILE E 11 -16.35 -16.53 -21.29
CA ILE E 11 -16.26 -17.97 -21.08
C ILE E 11 -17.47 -18.53 -20.33
N GLU E 12 -17.68 -19.84 -20.46
CA GLU E 12 -18.77 -20.52 -19.77
C GLU E 12 -18.53 -20.70 -18.27
N LYS E 13 -19.60 -20.66 -17.50
CA LYS E 13 -19.58 -21.05 -16.10
C LYS E 13 -18.96 -22.43 -16.01
N GLY E 14 -17.92 -22.55 -15.18
CA GLY E 14 -17.20 -23.81 -15.01
C GLY E 14 -15.83 -23.85 -15.66
N GLN E 15 -15.57 -22.93 -16.57
CA GLN E 15 -14.32 -22.93 -17.33
C GLN E 15 -13.17 -22.14 -16.68
N THR E 16 -11.98 -22.30 -17.23
CA THR E 16 -10.77 -21.68 -16.70
C THR E 16 -10.29 -20.54 -17.57
N VAL E 17 -9.89 -19.45 -16.93
CA VAL E 17 -9.18 -18.37 -17.60
C VAL E 17 -7.94 -17.99 -16.81
N THR E 18 -6.82 -17.87 -17.52
CA THR E 18 -5.62 -17.27 -16.97
C THR E 18 -5.53 -15.84 -17.48
N LEU E 19 -5.48 -14.89 -16.56
CA LEU E 19 -5.27 -13.49 -16.89
C LEU E 19 -3.81 -13.16 -16.65
N ARG E 20 -3.21 -12.42 -17.56
CA ARG E 20 -1.79 -12.12 -17.47
C ARG E 20 -1.54 -10.62 -17.38
N CYS E 21 -0.48 -10.26 -16.68
CA CYS E 21 -0.06 -8.88 -16.56
C CYS E 21 1.45 -8.74 -16.70
N ASP E 22 1.87 -7.80 -17.54
CA ASP E 22 3.28 -7.50 -17.71
C ASP E 22 3.55 -6.08 -17.23
N PRO E 23 4.07 -5.96 -16.00
CA PRO E 23 4.34 -4.68 -15.33
C PRO E 23 5.47 -3.92 -16.00
N ILE E 24 5.51 -2.60 -15.79
CA ILE E 24 6.66 -1.81 -16.23
C ILE E 24 7.88 -2.48 -15.61
N SER E 25 8.77 -2.98 -16.46
CA SER E 25 9.91 -3.77 -15.98
C SER E 25 10.77 -2.95 -15.04
N GLY E 26 11.17 -3.57 -13.93
CA GLY E 26 11.99 -2.90 -12.93
C GLY E 26 11.19 -2.57 -11.68
N HIS E 27 9.87 -2.63 -11.79
CA HIS E 27 8.98 -2.34 -10.67
C HIS E 27 8.91 -3.50 -9.68
N ASP E 28 9.28 -3.23 -8.42
CA ASP E 28 9.27 -4.25 -7.38
C ASP E 28 7.87 -4.70 -7.02
N ASN E 29 6.92 -3.78 -7.04
CA ASN E 29 5.54 -4.08 -6.64
C ASN E 29 4.62 -4.25 -7.82
N LEU E 30 3.74 -5.24 -7.73
CA LEU E 30 2.68 -5.45 -8.69
C LEU E 30 1.38 -5.68 -7.93
N TYR E 31 0.30 -5.07 -8.42
CA TYR E 31 -1.00 -5.16 -7.79
C TYR E 31 -2.03 -5.69 -8.77
N TRP E 32 -3.00 -6.44 -8.24
CA TRP E 32 -4.21 -6.79 -8.98
C TRP E 32 -5.42 -6.12 -8.33
N TYR E 33 -6.23 -5.46 -9.14
CA TYR E 33 -7.50 -4.86 -8.70
C TYR E 33 -8.61 -5.35 -9.61
N ARG E 34 -9.83 -5.39 -9.10
CA ARG E 34 -10.98 -5.70 -9.95
C ARG E 34 -12.19 -4.83 -9.66
N ARG E 35 -13.04 -4.68 -10.67
CA ARG E 35 -14.36 -4.10 -10.51
C ARG E 35 -15.43 -5.13 -10.90
N VAL E 36 -16.13 -5.62 -9.89
CA VAL E 36 -17.27 -6.50 -10.09
C VAL E 36 -18.48 -5.66 -10.44
N MET E 37 -18.87 -5.69 -11.72
CA MET E 37 -20.01 -4.95 -12.27
C MET E 37 -21.06 -4.63 -11.20
N GLY E 38 -21.28 -3.34 -10.98
CA GLY E 38 -22.18 -2.88 -9.93
C GLY E 38 -21.47 -2.31 -8.71
N LYS E 39 -20.18 -2.61 -8.57
CA LYS E 39 -19.41 -2.12 -7.42
C LYS E 39 -18.20 -1.26 -7.79
N GLU E 40 -17.46 -0.84 -6.78
CA GLU E 40 -16.27 -0.01 -6.97
C GLU E 40 -15.04 -0.88 -7.27
N ILE E 41 -13.97 -0.27 -7.75
CA ILE E 41 -12.71 -0.99 -7.93
C ILE E 41 -12.17 -1.35 -6.57
N LYS E 42 -11.72 -2.59 -6.43
CA LYS E 42 -11.30 -3.10 -5.14
C LYS E 42 -9.99 -3.89 -5.22
N PHE E 43 -9.15 -3.71 -4.21
CA PHE E 43 -7.86 -4.39 -4.07
C PHE E 43 -8.03 -5.91 -4.03
N LEU E 44 -7.11 -6.63 -4.69
CA LEU E 44 -7.07 -8.08 -4.60
C LEU E 44 -5.78 -8.57 -3.93
N LEU E 45 -4.65 -8.15 -4.48
CA LEU E 45 -3.36 -8.72 -4.10
C LEU E 45 -2.23 -7.74 -4.39
N HIS E 46 -1.18 -7.82 -3.57
CA HIS E 46 0.05 -7.07 -3.79
C HIS E 46 1.26 -7.98 -3.70
N PHE E 47 2.04 -8.02 -4.77
CA PHE E 47 3.31 -8.71 -4.80
C PHE E 47 4.45 -7.72 -4.55
N VAL E 48 5.27 -7.98 -3.55
CA VAL E 48 6.61 -7.38 -3.50
C VAL E 48 7.54 -8.42 -4.08
N LYS E 49 8.15 -8.08 -5.21
CA LYS E 49 8.91 -9.03 -6.03
C LYS E 49 8.08 -10.30 -6.25
N GLU E 50 8.66 -11.48 -6.05
CA GLU E 50 7.88 -12.71 -6.23
C GLU E 50 7.05 -13.14 -5.02
N SER E 51 7.08 -12.36 -3.94
CA SER E 51 6.35 -12.73 -2.73
C SER E 51 5.00 -12.02 -2.58
N LYS E 52 4.04 -12.71 -1.96
CA LYS E 52 2.75 -12.12 -1.65
C LYS E 52 2.86 -11.30 -0.36
N GLN E 53 2.69 -9.99 -0.49
CA GLN E 53 2.80 -9.08 0.64
C GLN E 53 1.44 -8.86 1.29
N ASP E 54 0.41 -8.73 0.47
CA ASP E 54 -0.95 -8.53 0.97
C ASP E 54 -1.90 -9.32 0.07
N GLU E 55 -2.77 -10.11 0.69
CA GLU E 55 -3.71 -11.00 -0.01
C GLU E 55 -5.18 -10.78 0.37
N SER E 56 -5.43 -9.72 1.15
CA SER E 56 -6.72 -9.53 1.82
C SER E 56 -7.94 -9.39 0.90
N GLY E 57 -7.72 -9.00 -0.35
CA GLY E 57 -8.82 -8.81 -1.30
C GLY E 57 -9.14 -10.03 -2.14
N MET E 58 -8.38 -11.10 -1.96
CA MET E 58 -8.53 -12.30 -2.80
C MET E 58 -9.83 -13.03 -2.43
N PRO E 59 -10.77 -13.11 -3.39
CA PRO E 59 -12.17 -13.49 -3.16
C PRO E 59 -12.33 -14.77 -2.38
N ASN E 60 -11.67 -15.83 -2.85
CA ASN E 60 -11.78 -17.18 -2.29
C ASN E 60 -10.68 -18.09 -2.85
N ASN E 61 -10.88 -19.40 -2.71
CA ASN E 61 -9.90 -20.38 -3.18
C ASN E 61 -9.84 -20.55 -4.70
N ARG E 62 -10.95 -20.26 -5.38
CA ARG E 62 -11.04 -20.36 -6.85
C ARG E 62 -10.08 -19.43 -7.59
N PHE E 63 -9.56 -18.45 -6.87
CA PHE E 63 -8.61 -17.47 -7.40
C PHE E 63 -7.20 -17.78 -6.93
N LEU E 64 -6.26 -17.84 -7.88
CA LEU E 64 -4.86 -18.13 -7.57
C LEU E 64 -3.95 -17.27 -8.42
N ALA E 65 -2.97 -16.63 -7.78
CA ALA E 65 -2.07 -15.72 -8.48
C ALA E 65 -0.61 -16.02 -8.18
N GLU E 66 0.20 -15.96 -9.22
CA GLU E 66 1.64 -16.19 -9.13
C GLU E 66 2.44 -15.10 -9.82
N ARG E 67 3.73 -15.02 -9.49
CA ARG E 67 4.65 -14.10 -10.12
C ARG E 67 6.04 -14.73 -10.05
N THR E 68 6.12 -15.97 -10.52
CA THR E 68 7.33 -16.80 -10.43
C THR E 68 8.65 -16.04 -10.33
N GLY E 69 9.07 -15.41 -11.44
CA GLY E 69 10.35 -14.71 -11.48
C GLY E 69 10.28 -13.22 -11.19
N GLY E 70 9.29 -12.83 -10.38
CA GLY E 70 9.09 -11.42 -10.02
C GLY E 70 8.94 -10.46 -11.18
N THR E 71 8.51 -10.96 -12.33
CA THR E 71 8.30 -10.13 -13.52
C THR E 71 6.81 -10.05 -13.81
N TYR E 72 6.37 -10.77 -14.85
CA TYR E 72 4.97 -10.83 -15.20
C TYR E 72 4.17 -11.63 -14.18
N SER E 73 2.93 -11.21 -13.96
CA SER E 73 2.04 -11.94 -13.07
C SER E 73 0.96 -12.66 -13.84
N THR E 74 0.38 -13.66 -13.18
CA THR E 74 -0.68 -14.46 -13.75
C THR E 74 -1.77 -14.64 -12.70
N LEU E 75 -3.01 -14.49 -13.10
CA LEU E 75 -4.15 -14.67 -12.20
C LEU E 75 -5.13 -15.65 -12.82
N LYS E 76 -5.35 -16.76 -12.12
CA LYS E 76 -6.15 -17.86 -12.66
C LYS E 76 -7.44 -18.07 -11.88
N VAL E 77 -8.56 -17.98 -12.59
CA VAL E 77 -9.87 -18.29 -12.04
C VAL E 77 -10.27 -19.69 -12.48
N GLN E 78 -10.48 -20.57 -11.51
CA GLN E 78 -10.86 -21.95 -11.77
C GLN E 78 -11.55 -22.53 -10.54
N PRO E 79 -12.84 -22.88 -10.66
CA PRO E 79 -13.68 -22.66 -11.83
C PRO E 79 -14.32 -21.28 -11.80
N ALA E 80 -14.69 -20.76 -12.97
CA ALA E 80 -15.28 -19.42 -13.04
C ALA E 80 -16.80 -19.44 -12.81
N GLU E 81 -17.26 -18.51 -11.98
CA GLU E 81 -18.68 -18.32 -11.67
C GLU E 81 -19.15 -16.97 -12.20
N LEU E 82 -20.47 -16.81 -12.35
CA LEU E 82 -21.05 -15.60 -12.92
C LEU E 82 -20.61 -14.30 -12.21
N GLU E 83 -20.71 -14.30 -10.89
CA GLU E 83 -20.33 -13.15 -10.06
C GLU E 83 -18.89 -12.66 -10.26
N ASP E 84 -18.08 -13.45 -10.97
CA ASP E 84 -16.70 -13.06 -11.26
C ASP E 84 -16.58 -12.16 -12.49
N SER E 85 -17.70 -11.95 -13.18
CA SER E 85 -17.72 -11.08 -14.35
C SER E 85 -17.35 -9.66 -13.93
N GLY E 86 -16.59 -8.99 -14.78
CA GLY E 86 -16.16 -7.64 -14.49
C GLY E 86 -14.85 -7.31 -15.17
N VAL E 87 -14.22 -6.23 -14.72
CA VAL E 87 -12.93 -5.83 -15.26
C VAL E 87 -11.86 -6.02 -14.22
N TYR E 88 -10.75 -6.61 -14.64
CA TYR E 88 -9.64 -6.92 -13.75
C TYR E 88 -8.45 -6.06 -14.18
N PHE E 89 -8.07 -5.15 -13.30
CA PHE E 89 -6.98 -4.23 -13.57
C PHE E 89 -5.69 -4.67 -12.89
N CYS E 90 -4.62 -4.71 -13.67
CA CYS E 90 -3.29 -4.87 -13.13
C CYS E 90 -2.64 -3.51 -12.90
N ALA E 91 -1.74 -3.44 -11.94
CA ALA E 91 -0.96 -2.23 -11.67
C ALA E 91 0.45 -2.57 -11.20
N SER E 92 1.39 -1.68 -11.49
CA SER E 92 2.76 -1.82 -10.97
C SER E 92 3.21 -0.50 -10.36
N SER E 93 4.17 -0.59 -9.43
CA SER E 93 4.70 0.60 -8.76
C SER E 93 6.15 0.41 -8.35
N GLN E 94 6.88 1.52 -8.27
CA GLN E 94 8.24 1.53 -7.74
C GLN E 94 8.32 2.08 -6.32
N ASP E 95 7.45 3.02 -6.00
CA ASP E 95 7.45 3.69 -4.70
C ASP E 95 6.27 3.28 -3.81
N ARG E 96 5.34 2.52 -4.38
CA ARG E 96 4.10 2.14 -3.74
C ARG E 96 3.16 3.34 -3.58
N ASP E 97 3.68 4.54 -3.86
CA ASP E 97 2.90 5.78 -3.78
C ASP E 97 2.27 6.16 -5.13
N THR E 98 2.91 5.74 -6.22
CA THR E 98 2.39 6.00 -7.56
C THR E 98 2.14 4.67 -8.26
N GLN E 99 0.87 4.38 -8.53
CA GLN E 99 0.50 3.13 -9.16
C GLN E 99 0.09 3.36 -10.61
N TYR E 100 0.70 2.59 -11.51
CA TYR E 100 0.45 2.67 -12.94
C TYR E 100 -0.38 1.47 -13.36
N PHE E 101 -1.51 1.72 -14.01
CA PHE E 101 -2.44 0.65 -14.37
C PHE E 101 -2.41 0.30 -15.83
N GLY E 102 -2.57 -0.98 -16.12
CA GLY E 102 -2.79 -1.44 -17.48
C GLY E 102 -4.24 -1.18 -17.90
N PRO E 103 -4.59 -1.56 -19.14
CA PRO E 103 -5.91 -1.27 -19.68
C PRO E 103 -7.00 -2.20 -19.14
N GLY E 104 -6.59 -3.27 -18.46
CA GLY E 104 -7.53 -4.20 -17.83
C GLY E 104 -7.99 -5.32 -18.73
N THR E 105 -8.45 -6.41 -18.10
CA THR E 105 -9.09 -7.52 -18.81
C THR E 105 -10.59 -7.48 -18.53
N ARG E 106 -11.40 -7.38 -19.58
CA ARG E 106 -12.84 -7.42 -19.41
C ARG E 106 -13.35 -8.85 -19.48
N LEU E 107 -13.90 -9.32 -18.35
CA LEU E 107 -14.29 -10.71 -18.21
C LEU E 107 -15.80 -10.85 -18.06
N THR E 108 -16.37 -11.74 -18.87
CA THR E 108 -17.78 -12.08 -18.76
C THR E 108 -17.92 -13.59 -18.67
N VAL E 109 -18.37 -14.05 -17.50
CA VAL E 109 -18.73 -15.44 -17.30
C VAL E 109 -20.21 -15.58 -17.61
N LEU E 110 -20.54 -16.40 -18.60
CA LEU E 110 -21.92 -16.64 -19.00
C LEU E 110 -22.39 -18.02 -18.57
N GLU E 111 -23.68 -18.15 -18.29
CA GLU E 111 -24.25 -19.42 -17.87
C GLU E 111 -24.41 -20.37 -19.04
N ASP E 112 -24.58 -19.82 -20.23
CA ASP E 112 -24.75 -20.59 -21.46
C ASP E 112 -24.30 -19.77 -22.67
N LEU E 113 -23.39 -20.34 -23.46
CA LEU E 113 -22.81 -19.64 -24.60
C LEU E 113 -23.74 -19.44 -25.81
N LYS E 114 -24.88 -20.13 -25.82
CA LYS E 114 -25.91 -19.93 -26.84
C LYS E 114 -26.35 -18.46 -26.93
N ASN E 115 -26.15 -17.73 -25.84
CA ASN E 115 -26.59 -16.34 -25.73
C ASN E 115 -25.68 -15.32 -26.41
N VAL E 116 -24.50 -15.76 -26.82
CA VAL E 116 -23.52 -14.89 -27.48
C VAL E 116 -23.98 -14.62 -28.89
N PHE E 117 -23.91 -13.36 -29.31
CA PHE E 117 -24.26 -12.95 -30.66
C PHE E 117 -23.33 -11.87 -31.20
N PRO E 118 -22.87 -12.02 -32.45
CA PRO E 118 -22.14 -10.96 -33.15
C PRO E 118 -23.04 -9.75 -33.40
N PRO E 119 -22.45 -8.55 -33.55
CA PRO E 119 -23.28 -7.39 -33.89
C PRO E 119 -23.63 -7.37 -35.37
N GLU E 120 -24.82 -6.88 -35.67
CA GLU E 120 -25.11 -6.41 -37.02
C GLU E 120 -24.83 -4.92 -37.03
N VAL E 121 -24.26 -4.43 -38.13
CA VAL E 121 -23.82 -3.04 -38.23
C VAL E 121 -24.50 -2.37 -39.42
N ALA E 122 -25.10 -1.20 -39.17
CA ALA E 122 -25.70 -0.39 -40.22
C ALA E 122 -25.14 1.03 -40.20
N VAL E 123 -24.99 1.63 -41.39
CA VAL E 123 -24.61 3.03 -41.55
C VAL E 123 -25.76 3.84 -42.12
N PHE E 124 -26.08 4.94 -41.46
CA PHE E 124 -27.18 5.80 -41.88
C PHE E 124 -26.65 7.08 -42.50
N GLU E 125 -27.01 7.30 -43.76
CA GLU E 125 -26.49 8.41 -44.57
C GLU E 125 -27.02 9.76 -44.10
N PRO E 126 -26.21 10.82 -44.26
CA PRO E 126 -26.56 12.18 -43.83
C PRO E 126 -27.83 12.72 -44.43
N SER E 127 -28.50 13.58 -43.67
CA SER E 127 -29.74 14.23 -44.08
C SER E 127 -29.48 15.34 -45.09
N GLU E 128 -30.24 15.33 -46.17
CA GLU E 128 -30.28 16.42 -47.14
C GLU E 128 -30.58 17.78 -46.46
N ALA E 129 -31.43 17.75 -45.44
CA ALA E 129 -31.77 18.94 -44.67
C ALA E 129 -30.61 19.48 -43.84
N GLU E 130 -29.81 18.57 -43.27
CA GLU E 130 -28.63 18.96 -42.48
C GLU E 130 -27.56 19.63 -43.34
N ILE E 131 -27.37 19.09 -44.53
CA ILE E 131 -26.42 19.64 -45.48
C ILE E 131 -26.77 21.09 -45.84
N SER E 132 -28.03 21.34 -46.17
CA SER E 132 -28.43 22.69 -46.59
C SER E 132 -28.51 23.65 -45.41
N HIS E 133 -28.89 23.12 -44.24
CA HIS E 133 -29.03 23.93 -43.03
C HIS E 133 -27.70 24.26 -42.35
N THR E 134 -26.79 23.28 -42.26
CA THR E 134 -25.59 23.44 -41.44
C THR E 134 -24.26 23.39 -42.21
N GLN E 135 -24.31 22.95 -43.47
CA GLN E 135 -23.11 22.73 -44.31
C GLN E 135 -22.23 21.60 -43.78
N LYS E 136 -22.83 20.71 -42.98
CA LYS E 136 -22.14 19.57 -42.39
C LYS E 136 -22.99 18.32 -42.56
N ALA E 137 -22.33 17.16 -42.60
CA ALA E 137 -23.01 15.89 -42.85
C ALA E 137 -22.68 14.85 -41.79
N THR E 138 -23.69 14.44 -41.05
CA THR E 138 -23.50 13.51 -39.96
C THR E 138 -23.93 12.11 -40.37
N LEU E 139 -22.99 11.18 -40.35
CA LEU E 139 -23.28 9.77 -40.52
C LEU E 139 -23.48 9.18 -39.13
N VAL E 140 -24.48 8.32 -39.01
CA VAL E 140 -24.72 7.60 -37.78
C VAL E 140 -24.43 6.13 -38.04
N CYS E 141 -23.70 5.51 -37.12
CA CYS E 141 -23.49 4.08 -37.17
C CYS E 141 -24.32 3.42 -36.09
N LEU E 142 -24.91 2.28 -36.41
CA LEU E 142 -25.72 1.56 -35.46
C LEU E 142 -25.27 0.12 -35.43
N ALA E 143 -24.79 -0.30 -34.27
CA ALA E 143 -24.39 -1.68 -34.06
C ALA E 143 -25.43 -2.30 -33.15
N THR E 144 -26.14 -3.29 -33.67
CA THR E 144 -27.29 -3.86 -32.96
C THR E 144 -27.17 -5.37 -32.77
N GLY E 145 -27.87 -5.87 -31.76
CA GLY E 145 -28.04 -7.31 -31.56
C GLY E 145 -26.82 -8.05 -31.03
N PHE E 146 -25.92 -7.35 -30.36
CA PHE E 146 -24.74 -8.04 -29.80
C PHE E 146 -24.85 -8.39 -28.32
N TYR E 147 -24.30 -9.56 -27.97
CA TYR E 147 -24.18 -10.01 -26.60
C TYR E 147 -22.95 -10.92 -26.45
N PRO E 148 -22.15 -10.73 -25.38
CA PRO E 148 -22.28 -9.66 -24.37
C PRO E 148 -21.72 -8.36 -24.94
N ASP E 149 -21.79 -7.27 -24.17
CA ASP E 149 -21.32 -5.99 -24.70
C ASP E 149 -19.78 -5.87 -24.73
N HIS E 150 -19.17 -6.65 -25.59
CA HIS E 150 -17.74 -6.55 -25.86
C HIS E 150 -17.55 -6.04 -27.29
N VAL E 151 -17.64 -4.73 -27.46
CA VAL E 151 -17.51 -4.10 -28.77
C VAL E 151 -16.58 -2.89 -28.75
N GLU E 152 -15.85 -2.72 -29.85
CA GLU E 152 -15.11 -1.49 -30.08
C GLU E 152 -15.51 -0.93 -31.42
N LEU E 153 -15.99 0.30 -31.43
CA LEU E 153 -16.45 0.94 -32.65
C LEU E 153 -15.48 2.04 -33.10
N SER E 154 -15.15 2.03 -34.38
CA SER E 154 -14.27 3.03 -34.97
C SER E 154 -14.72 3.34 -36.39
N TRP E 155 -14.31 4.51 -36.87
CA TRP E 155 -14.69 5.01 -38.19
C TRP E 155 -13.50 5.07 -39.12
N TRP E 156 -13.73 4.76 -40.40
CA TRP E 156 -12.65 4.62 -41.37
C TRP E 156 -12.96 5.38 -42.64
N VAL E 157 -12.14 6.37 -42.95
CA VAL E 157 -12.32 7.16 -44.16
C VAL E 157 -11.20 6.90 -45.15
N ASN E 158 -11.56 6.33 -46.30
CA ASN E 158 -10.59 6.01 -47.36
C ASN E 158 -9.48 5.08 -46.87
N GLY E 159 -9.88 4.06 -46.11
CA GLY E 159 -8.95 3.04 -45.62
C GLY E 159 -8.10 3.45 -44.44
N LYS E 160 -8.32 4.67 -43.93
CA LYS E 160 -7.62 5.16 -42.75
C LYS E 160 -8.58 5.48 -41.62
N GLU E 161 -8.17 5.17 -40.39
CA GLU E 161 -8.97 5.48 -39.22
C GLU E 161 -9.06 6.99 -39.01
N VAL E 162 -10.23 7.43 -38.54
CA VAL E 162 -10.49 8.83 -38.27
C VAL E 162 -10.81 8.97 -36.79
N HIS E 163 -10.38 10.10 -36.20
CA HIS E 163 -10.71 10.39 -34.81
C HIS E 163 -11.52 11.69 -34.64
N SER E 164 -11.11 12.74 -35.33
CA SER E 164 -11.84 14.01 -35.28
C SER E 164 -13.25 13.89 -35.86
N GLY E 165 -14.20 14.55 -35.20
CA GLY E 165 -15.60 14.54 -35.64
C GLY E 165 -16.40 13.32 -35.21
N VAL E 166 -15.80 12.46 -34.39
CA VAL E 166 -16.41 11.18 -34.00
C VAL E 166 -17.01 11.27 -32.58
N CYS E 167 -18.14 10.59 -32.39
CA CYS E 167 -18.75 10.46 -31.08
C CYS E 167 -19.41 9.10 -30.91
N THR E 168 -18.88 8.30 -29.99
CA THR E 168 -19.43 6.97 -29.71
C THR E 168 -19.91 6.88 -28.26
N ASP E 169 -21.15 6.43 -28.09
CA ASP E 169 -21.75 6.22 -26.77
C ASP E 169 -20.79 5.52 -25.80
N PRO E 170 -20.66 6.05 -24.57
CA PRO E 170 -19.89 5.34 -23.55
C PRO E 170 -20.48 3.95 -23.24
N GLN E 171 -21.79 3.87 -23.03
CA GLN E 171 -22.45 2.60 -22.74
C GLN E 171 -23.40 2.21 -23.88
N PRO E 172 -23.61 0.89 -24.09
CA PRO E 172 -24.63 0.46 -25.03
C PRO E 172 -26.02 0.42 -24.38
N LEU E 173 -27.06 0.29 -25.20
CA LEU E 173 -28.44 0.17 -24.73
C LEU E 173 -28.90 -1.29 -24.79
N LYS E 174 -29.71 -1.70 -23.82
CA LYS E 174 -30.35 -3.02 -23.86
C LYS E 174 -31.51 -2.99 -24.84
N GLU E 175 -31.57 -3.97 -25.74
CA GLU E 175 -32.63 -4.01 -26.75
C GLU E 175 -33.95 -4.48 -26.14
N GLN E 176 -33.88 -5.56 -25.37
CA GLN E 176 -35.07 -6.11 -24.74
C GLN E 176 -34.85 -6.18 -23.24
N PRO E 177 -34.95 -5.02 -22.55
CA PRO E 177 -34.56 -4.96 -21.14
C PRO E 177 -35.41 -5.86 -20.26
N ALA E 178 -36.61 -6.21 -20.73
CA ALA E 178 -37.53 -7.09 -19.99
C ALA E 178 -37.16 -8.57 -20.06
N LEU E 179 -36.14 -8.91 -20.85
CA LEU E 179 -35.70 -10.30 -20.99
C LEU E 179 -34.30 -10.53 -20.38
N ASN E 180 -34.04 -11.75 -19.92
CA ASN E 180 -32.72 -12.12 -19.44
C ASN E 180 -31.70 -12.10 -20.57
N ASP E 181 -30.46 -11.73 -20.24
CA ASP E 181 -29.34 -11.73 -21.17
C ASP E 181 -29.64 -10.92 -22.43
N SER E 182 -30.34 -9.81 -22.24
CA SER E 182 -30.76 -8.94 -23.34
C SER E 182 -29.58 -8.53 -24.21
N ARG E 183 -29.78 -8.56 -25.51
CA ARG E 183 -28.79 -8.07 -26.46
C ARG E 183 -28.68 -6.55 -26.39
N TYR E 184 -27.61 -6.01 -26.97
CA TYR E 184 -27.30 -4.58 -26.87
C TYR E 184 -27.27 -3.88 -28.22
N ALA E 185 -27.35 -2.56 -28.16
CA ALA E 185 -27.14 -1.69 -29.32
C ALA E 185 -26.24 -0.53 -28.92
N LEU E 186 -25.47 -0.04 -29.88
CA LEU E 186 -24.53 1.07 -29.64
C LEU E 186 -24.49 1.94 -30.87
N SER E 187 -24.50 3.25 -30.67
CA SER E 187 -24.47 4.18 -31.80
C SER E 187 -23.21 5.04 -31.82
N SER E 188 -22.93 5.57 -33.00
CA SER E 188 -21.77 6.42 -33.21
C SER E 188 -22.08 7.45 -34.27
N ARG E 189 -21.43 8.61 -34.15
CA ARG E 189 -21.61 9.71 -35.10
C ARG E 189 -20.28 10.16 -35.67
N LEU E 190 -20.22 10.20 -36.99
CA LEU E 190 -19.14 10.87 -37.68
C LEU E 190 -19.72 12.06 -38.43
N ARG E 191 -19.23 13.25 -38.10
CA ARG E 191 -19.66 14.48 -38.75
C ARG E 191 -18.53 15.06 -39.57
N VAL E 192 -18.77 15.24 -40.86
CA VAL E 192 -17.81 15.85 -41.78
C VAL E 192 -18.42 17.09 -42.45
N SER E 193 -17.62 17.80 -43.24
CA SER E 193 -18.13 18.97 -43.96
C SER E 193 -18.95 18.49 -45.15
N ALA E 194 -20.04 19.19 -45.46
CA ALA E 194 -20.92 18.83 -46.56
C ALA E 194 -20.18 18.44 -47.84
N THR E 195 -19.25 19.28 -48.26
CA THR E 195 -18.51 19.07 -49.51
C THR E 195 -17.57 17.87 -49.46
N PHE E 196 -17.15 17.49 -48.26
CA PHE E 196 -16.37 16.25 -48.08
C PHE E 196 -17.28 15.04 -48.26
N TRP E 197 -18.49 15.12 -47.71
CA TRP E 197 -19.48 14.07 -47.93
C TRP E 197 -19.99 14.03 -49.38
N GLN E 198 -20.03 15.20 -50.02
CA GLN E 198 -20.57 15.29 -51.39
C GLN E 198 -19.59 14.86 -52.48
N ASN E 199 -18.39 14.45 -52.07
CA ASN E 199 -17.37 13.94 -52.99
C ASN E 199 -17.51 12.43 -53.15
N PRO E 200 -17.90 11.97 -54.36
CA PRO E 200 -18.16 10.54 -54.58
C PRO E 200 -16.91 9.68 -54.42
N ARG E 201 -15.74 10.31 -54.50
CA ARG E 201 -14.44 9.63 -54.33
C ARG E 201 -14.16 9.22 -52.88
N ASN E 202 -15.00 9.66 -51.95
CA ASN E 202 -14.79 9.41 -50.53
C ASN E 202 -15.56 8.21 -49.99
N HIS E 203 -14.85 7.37 -49.24
CA HIS E 203 -15.41 6.13 -48.71
C HIS E 203 -15.47 6.21 -47.18
N PHE E 204 -16.63 5.87 -46.63
CA PHE E 204 -16.85 5.93 -45.20
C PHE E 204 -17.27 4.56 -44.70
N ARG E 205 -16.51 4.01 -43.75
CA ARG E 205 -16.83 2.72 -43.16
C ARG E 205 -16.94 2.82 -41.65
N CYS E 206 -18.00 2.25 -41.10
CA CYS E 206 -18.10 2.03 -39.68
C CYS E 206 -17.66 0.61 -39.34
N GLN E 207 -16.67 0.49 -38.46
CA GLN E 207 -16.11 -0.79 -38.08
C GLN E 207 -16.43 -1.09 -36.63
N VAL E 208 -16.92 -2.30 -36.38
CA VAL E 208 -17.16 -2.76 -35.01
C VAL E 208 -16.41 -4.06 -34.77
N GLN E 209 -15.41 -3.99 -33.90
CA GLN E 209 -14.72 -5.17 -33.43
C GLN E 209 -15.56 -5.82 -32.33
N PHE E 210 -16.02 -7.03 -32.58
CA PHE E 210 -16.74 -7.83 -31.59
C PHE E 210 -15.83 -8.86 -30.94
N TYR E 211 -15.94 -9.00 -29.63
CA TYR E 211 -15.20 -10.01 -28.88
C TYR E 211 -16.17 -11.05 -28.41
N GLY E 212 -15.98 -12.27 -28.88
CA GLY E 212 -16.89 -13.37 -28.59
C GLY E 212 -16.13 -14.62 -28.23
N LEU E 213 -16.56 -15.74 -28.80
CA LEU E 213 -15.93 -17.03 -28.56
C LEU E 213 -14.63 -17.12 -29.31
N SER E 214 -13.72 -17.96 -28.82
CA SER E 214 -12.53 -18.31 -29.57
C SER E 214 -12.81 -19.60 -30.34
N GLU E 215 -11.81 -20.07 -31.09
CA GLU E 215 -11.96 -21.28 -31.89
C GLU E 215 -11.89 -22.57 -31.04
N ASN E 216 -11.51 -22.44 -29.77
CA ASN E 216 -11.40 -23.58 -28.87
C ASN E 216 -12.74 -24.07 -28.31
N ASP E 217 -13.70 -23.15 -28.19
CA ASP E 217 -15.00 -23.45 -27.61
C ASP E 217 -15.87 -24.30 -28.54
N GLU E 218 -16.61 -25.24 -27.94
CA GLU E 218 -17.54 -26.10 -28.67
C GLU E 218 -18.71 -25.30 -29.25
N TRP E 219 -19.05 -25.59 -30.50
CA TRP E 219 -20.25 -25.02 -31.11
C TRP E 219 -21.04 -26.07 -31.91
N THR E 220 -22.21 -26.42 -31.38
CA THR E 220 -23.05 -27.47 -31.96
C THR E 220 -24.33 -26.93 -32.58
N GLN E 221 -24.46 -25.60 -32.60
CA GLN E 221 -25.69 -24.96 -33.04
C GLN E 221 -25.74 -24.73 -34.55
N ASP E 222 -26.88 -24.30 -35.05
CA ASP E 222 -27.09 -24.07 -36.48
C ASP E 222 -26.33 -22.84 -36.95
N ARG E 223 -26.70 -21.67 -36.40
CA ARG E 223 -26.10 -20.38 -36.73
C ARG E 223 -24.57 -20.39 -36.64
N ALA E 224 -23.94 -19.58 -37.48
CA ALA E 224 -22.49 -19.43 -37.50
C ALA E 224 -21.94 -19.12 -36.11
N LYS E 225 -20.86 -19.82 -35.76
CA LYS E 225 -20.17 -19.64 -34.48
C LYS E 225 -19.91 -18.16 -34.20
N PRO E 226 -20.35 -17.67 -33.02
CA PRO E 226 -20.25 -16.25 -32.69
C PRO E 226 -18.86 -15.88 -32.20
N VAL E 227 -17.86 -16.10 -33.04
CA VAL E 227 -16.47 -15.86 -32.67
C VAL E 227 -16.13 -14.38 -32.64
N THR E 228 -15.03 -14.04 -31.97
CA THR E 228 -14.43 -12.72 -32.08
C THR E 228 -14.28 -12.39 -33.57
N GLN E 229 -14.73 -11.20 -33.95
CA GLN E 229 -14.81 -10.82 -35.37
C GLN E 229 -15.05 -9.32 -35.59
N ILE E 230 -14.79 -8.88 -36.82
CA ILE E 230 -15.07 -7.51 -37.23
C ILE E 230 -16.25 -7.49 -38.20
N VAL E 231 -17.28 -6.73 -37.85
CA VAL E 231 -18.43 -6.52 -38.74
C VAL E 231 -18.48 -5.06 -39.16
N SER E 232 -18.64 -4.82 -40.46
CA SER E 232 -18.67 -3.47 -41.01
C SER E 232 -19.93 -3.15 -41.81
N ALA E 233 -20.17 -1.85 -41.94
CA ALA E 233 -21.11 -1.31 -42.90
C ALA E 233 -20.43 -0.08 -43.50
N GLU E 234 -20.72 0.21 -44.76
CA GLU E 234 -20.07 1.32 -45.44
C GLU E 234 -20.99 2.15 -46.34
N ALA E 235 -20.53 3.35 -46.68
CA ALA E 235 -21.23 4.21 -47.63
C ALA E 235 -20.25 5.14 -48.34
N TRP E 236 -20.52 5.37 -49.63
CA TRP E 236 -19.70 6.26 -50.45
C TRP E 236 -20.28 7.67 -50.46
N GLY E 237 -19.41 8.65 -50.62
CA GLY E 237 -19.81 10.05 -50.77
C GLY E 237 -20.79 10.26 -51.91
N ARG E 238 -21.53 11.36 -51.86
CA ARG E 238 -22.68 11.53 -52.71
C ARG E 238 -22.93 13.00 -53.07
N ALA E 239 -22.64 13.35 -54.32
CA ALA E 239 -23.06 14.64 -54.86
C ALA E 239 -24.59 14.70 -54.82
N ASP E 240 -25.20 13.60 -55.27
CA ASP E 240 -26.62 13.28 -55.06
C ASP E 240 -26.95 11.93 -55.71
I IOD F . 26.22 -25.65 39.31
I IOD G . -14.05 -0.22 -15.06
I IOD H . -32.90 -9.98 -26.78
I IOD I . 0.58 -8.99 -20.92
I IOD J . -28.18 -20.90 -30.85
#